data_7LFV
#
_entry.id   7LFV
#
_cell.length_a   103.610
_cell.length_b   103.610
_cell.length_c   265.354
_cell.angle_alpha   90.000
_cell.angle_beta   90.000
_cell.angle_gamma   120.000
#
_symmetry.space_group_name_H-M   'P 65 2 2'
#
loop_
_entity.id
_entity.type
_entity.pdbx_description
1 polymer 'papain-like protease'
2 polymer 'Papain-like protease peptide inhibitor VIR251'
3 non-polymer 'ZINC ION'
4 non-polymer 1,2-ETHANEDIOL
5 non-polymer 'SULFATE ION'
6 non-polymer 'AMMONIUM ION'
7 non-polymer 'CHLORIDE ION'
8 water water
#
loop_
_entity_poly.entity_id
_entity_poly.type
_entity_poly.pdbx_seq_one_letter_code
_entity_poly.pdbx_strand_id
1 'polypeptide(L)'
;MEVKTIKVFTTVDNTNLHTQLVDMSMTYGQQFGPTYLDGADVTKIKPHVNHEGKTFFVLPSDDTLRSEAFEYYHTLDESF
LGRYMSALNHTKKWKFPQVGGLTSIKWADNNCYLSSVLLALQQLEVKFNAPALQEAYYRARAGDAANFCALILAYSNKTV
GELGDVRETMTHLLQHANLESAKRVLNVVCKHCGQKTTTLTGVEAVMYMGTLSYDNLKTGVSIPCVCGRDATQYLVQQES
SFVMMSAPPAEYKLQQGTFLCANEYTGNYQCGHYTHITAKETLYRIDGAHLTKMSEYKGPVTDVFYKETSYTTTIKPLEH
HHHHH
;
B,A
2 'polypeptide(L)' (ACY)(73O)(DPP)G(GVE) D,F
#
loop_
_chem_comp.id
_chem_comp.type
_chem_comp.name
_chem_comp.formula
ACY non-polymer 'ACETIC ACID' 'C2 H4 O2'
CL non-polymer 'CHLORIDE ION' 'Cl -1'
EDO non-polymer 1,2-ETHANEDIOL 'C2 H6 O2'
GVE peptide-like 'METHYL 4-AMINOBUTANOATE' 'C5 H11 N O2'
NH4 non-polymer 'AMMONIUM ION' 'H4 N 1'
SO4 non-polymer 'SULFATE ION' 'O4 S -2'
ZN non-polymer 'ZINC ION' 'Zn 2'
#
# COMPACT_ATOMS: atom_id res chain seq x y z
N VAL A 3 8.75 3.86 -41.51
CA VAL A 3 9.20 3.91 -40.12
C VAL A 3 8.02 4.00 -39.17
N LYS A 4 7.59 2.85 -38.66
CA LYS A 4 6.51 2.80 -37.68
C LYS A 4 7.06 3.07 -36.28
N THR A 5 6.34 3.89 -35.52
CA THR A 5 6.73 4.23 -34.16
C THR A 5 5.53 4.11 -33.23
N ILE A 6 5.83 3.89 -31.95
CA ILE A 6 4.86 4.05 -30.88
C ILE A 6 5.46 4.95 -29.81
N LYS A 7 4.58 5.53 -29.01
CA LYS A 7 4.96 6.47 -27.96
C LYS A 7 5.00 5.74 -26.62
N VAL A 8 6.10 5.89 -25.88
CA VAL A 8 6.23 5.32 -24.54
C VAL A 8 6.87 6.35 -23.63
N PHE A 9 6.99 5.98 -22.35
CA PHE A 9 7.72 6.75 -21.36
C PHE A 9 8.90 5.96 -20.83
N THR A 10 10.00 6.66 -20.66
CA THR A 10 11.15 6.16 -19.92
C THR A 10 11.24 6.93 -18.61
N THR A 11 11.88 6.31 -17.62
CA THR A 11 11.95 6.85 -16.27
C THR A 11 13.07 6.12 -15.54
N VAL A 12 13.67 6.80 -14.57
CA VAL A 12 14.45 6.13 -13.53
C VAL A 12 13.76 6.13 -12.17
N ASP A 13 12.63 6.84 -12.01
CA ASP A 13 12.06 6.94 -10.67
C ASP A 13 10.56 6.70 -10.61
N ASN A 14 9.91 6.36 -11.72
CA ASN A 14 8.47 6.18 -11.84
C ASN A 14 7.68 7.43 -11.44
N THR A 15 8.31 8.61 -11.50
CA THR A 15 7.62 9.87 -11.23
C THR A 15 7.87 10.88 -12.34
N ASN A 16 9.14 11.11 -12.68
CA ASN A 16 9.47 11.90 -13.84
C ASN A 16 9.46 10.98 -15.06
N LEU A 17 8.51 11.22 -15.95
CA LEU A 17 8.29 10.39 -17.13
C LEU A 17 8.74 11.14 -18.37
N HIS A 18 9.49 10.47 -19.22
CA HIS A 18 10.10 11.11 -20.39
C HIS A 18 9.51 10.46 -21.62
N THR A 19 8.75 11.23 -22.38
CA THR A 19 8.12 10.74 -23.60
C THR A 19 9.18 10.36 -24.62
N GLN A 20 9.02 9.22 -25.25
CA GLN A 20 9.93 8.77 -26.29
C GLN A 20 9.14 8.20 -27.46
N LEU A 21 9.63 8.48 -28.67
CA LEU A 21 9.15 7.83 -29.89
C LEU A 21 10.12 6.69 -30.20
N VAL A 22 9.63 5.45 -30.15
CA VAL A 22 10.51 4.29 -30.34
C VAL A 22 10.27 3.71 -31.73
N ASP A 23 11.37 3.40 -32.40
CA ASP A 23 11.31 2.73 -33.69
C ASP A 23 10.97 1.26 -33.48
N MET A 24 9.87 0.80 -34.06
CA MET A 24 9.54 -0.61 -33.95
C MET A 24 10.48 -1.50 -34.73
N SER A 25 11.35 -0.92 -35.58
CA SER A 25 12.34 -1.69 -36.31
C SER A 25 13.50 -2.16 -35.41
N MET A 26 13.72 -1.52 -34.26
CA MET A 26 14.88 -1.80 -33.42
C MET A 26 14.45 -2.22 -32.02
N THR A 27 15.35 -2.90 -31.33
CA THR A 27 15.07 -3.31 -29.95
C THR A 27 15.10 -2.11 -29.03
N TYR A 28 14.53 -2.28 -27.83
CA TYR A 28 14.65 -1.23 -26.82
C TYR A 28 16.11 -0.97 -26.49
N GLY A 29 16.93 -2.01 -26.45
CA GLY A 29 18.32 -1.84 -26.07
C GLY A 29 19.11 -0.96 -27.02
N GLN A 30 18.76 -0.97 -28.31
CA GLN A 30 19.43 -0.11 -29.29
C GLN A 30 19.03 1.36 -29.16
N GLN A 31 17.91 1.65 -28.50
CA GLN A 31 17.42 3.01 -28.43
C GLN A 31 17.56 3.63 -27.06
N PHE A 32 17.61 2.82 -25.99
CA PHE A 32 17.65 3.33 -24.62
C PHE A 32 18.80 2.80 -23.78
N GLY A 33 19.57 1.82 -24.28
CA GLY A 33 20.41 1.03 -23.42
C GLY A 33 19.52 0.02 -22.72
N PRO A 34 20.05 -0.68 -21.71
CA PRO A 34 19.26 -1.68 -21.01
C PRO A 34 17.92 -1.13 -20.52
N THR A 35 16.85 -1.89 -20.76
CA THR A 35 15.47 -1.42 -20.54
C THR A 35 14.64 -2.48 -19.83
N TYR A 36 13.74 -2.04 -18.98
CA TYR A 36 12.93 -2.96 -18.19
C TYR A 36 11.50 -2.50 -18.18
N LEU A 37 10.59 -3.47 -18.17
CA LEU A 37 9.15 -3.25 -18.12
C LEU A 37 8.62 -4.03 -16.93
N ASP A 38 8.15 -3.32 -15.90
CA ASP A 38 7.60 -3.95 -14.69
C ASP A 38 8.55 -5.00 -14.12
N GLY A 39 9.85 -4.68 -14.09
CA GLY A 39 10.86 -5.57 -13.58
C GLY A 39 11.50 -6.52 -14.57
N ALA A 40 10.86 -6.80 -15.71
CA ALA A 40 11.42 -7.72 -16.69
C ALA A 40 12.35 -7.01 -17.66
N ASP A 41 13.47 -7.66 -17.97
CA ASP A 41 14.41 -7.16 -18.95
C ASP A 41 13.85 -7.27 -20.38
N VAL A 42 13.64 -6.14 -21.03
CA VAL A 42 13.12 -6.08 -22.41
C VAL A 42 14.16 -5.50 -23.36
N THR A 43 15.42 -5.49 -22.96
CA THR A 43 16.52 -4.97 -23.77
C THR A 43 16.56 -5.62 -25.15
N LYS A 44 16.35 -6.93 -25.23
CA LYS A 44 16.55 -7.65 -26.47
C LYS A 44 15.32 -7.63 -27.38
N ILE A 45 14.18 -7.10 -26.96
CA ILE A 45 12.99 -7.24 -27.79
C ILE A 45 12.62 -5.91 -28.43
N LYS A 46 11.96 -6.00 -29.59
CA LYS A 46 11.42 -4.88 -30.34
C LYS A 46 10.03 -4.50 -29.81
N PRO A 47 9.63 -3.24 -29.93
CA PRO A 47 8.37 -2.81 -29.31
C PRO A 47 7.16 -3.56 -29.87
N HIS A 48 6.23 -3.90 -28.98
CA HIS A 48 4.93 -4.42 -29.36
C HIS A 48 3.93 -3.27 -29.47
N VAL A 49 2.84 -3.52 -30.23
CA VAL A 49 1.78 -2.53 -30.33
C VAL A 49 1.26 -2.18 -28.94
N ASN A 50 1.03 -3.18 -28.10
CA ASN A 50 0.47 -3.02 -26.78
C ASN A 50 1.40 -2.28 -25.81
N HIS A 51 2.63 -1.94 -26.18
CA HIS A 51 3.49 -1.17 -25.31
C HIS A 51 3.21 0.32 -25.37
N GLU A 52 2.34 0.75 -26.28
CA GLU A 52 1.96 2.15 -26.41
C GLU A 52 1.44 2.69 -25.08
N GLY A 53 2.08 3.77 -24.59
CA GLY A 53 1.72 4.38 -23.33
C GLY A 53 2.25 3.70 -22.08
N LYS A 54 3.05 2.66 -22.22
CA LYS A 54 3.58 2.03 -21.02
C LYS A 54 4.85 2.74 -20.57
N THR A 55 5.22 2.53 -19.31
CA THR A 55 6.36 3.18 -18.69
C THR A 55 7.50 2.17 -18.52
N PHE A 56 8.70 2.53 -19.00
CA PHE A 56 9.87 1.66 -19.02
C PHE A 56 10.98 2.24 -18.16
N PHE A 57 11.63 1.39 -17.37
CA PHE A 57 12.82 1.81 -16.65
C PHE A 57 14.05 1.70 -17.53
N VAL A 58 14.89 2.72 -17.48
CA VAL A 58 16.17 2.75 -18.18
C VAL A 58 17.28 3.13 -17.20
N LEU A 59 18.53 3.04 -17.65
CA LEU A 59 19.61 3.42 -16.76
C LEU A 59 19.87 4.92 -16.87
N PRO A 60 20.43 5.54 -15.84
CA PRO A 60 20.71 6.98 -15.92
C PRO A 60 21.85 7.27 -16.87
N SER A 61 21.55 7.66 -18.12
CA SER A 61 22.58 7.80 -19.15
C SER A 61 22.81 9.24 -19.59
N ASP A 62 22.16 10.23 -18.99
CA ASP A 62 22.43 11.64 -19.25
C ASP A 62 22.28 12.41 -17.95
N ASP A 63 22.54 13.72 -17.98
CA ASP A 63 22.56 14.52 -16.76
C ASP A 63 21.20 14.54 -16.09
N THR A 64 20.13 14.69 -16.88
CA THR A 64 18.78 14.74 -16.31
C THR A 64 18.45 13.44 -15.59
N LEU A 65 18.70 12.30 -16.24
CA LEU A 65 18.39 11.02 -15.60
C LEU A 65 19.27 10.77 -14.38
N ARG A 66 20.55 11.14 -14.46
CA ARG A 66 21.45 10.95 -13.34
C ARG A 66 20.99 11.78 -12.13
N SER A 67 20.54 13.00 -12.36
CA SER A 67 20.14 13.79 -11.21
C SER A 67 18.78 13.31 -10.66
N GLU A 68 17.86 12.88 -11.53
CA GLU A 68 16.63 12.25 -11.04
C GLU A 68 16.92 10.96 -10.26
N ALA A 69 17.88 10.17 -10.75
CA ALA A 69 18.23 8.93 -10.06
C ALA A 69 18.85 9.22 -8.70
N PHE A 70 19.79 10.17 -8.64
CA PHE A 70 20.30 10.50 -7.32
C PHE A 70 19.19 10.99 -6.39
N GLU A 71 18.30 11.85 -6.90
CA GLU A 71 17.26 12.40 -6.00
C GLU A 71 16.34 11.32 -5.47
N TYR A 72 16.10 10.29 -6.28
CA TYR A 72 15.18 9.24 -5.91
C TYR A 72 15.86 8.19 -5.05
N TYR A 73 17.08 7.77 -5.41
CA TYR A 73 17.73 6.67 -4.69
C TYR A 73 18.78 7.10 -3.67
N HIS A 74 19.31 8.33 -3.78
CA HIS A 74 20.37 8.82 -2.86
C HIS A 74 21.56 7.90 -2.82
N THR A 75 21.84 7.23 -3.91
CA THR A 75 23.04 6.41 -4.00
C THR A 75 23.94 7.01 -5.02
N LEU A 76 25.15 6.66 -4.88
CA LEU A 76 26.06 7.33 -5.77
C LEU A 76 26.94 6.25 -6.42
N ASP A 77 26.34 5.06 -6.45
CA ASP A 77 26.71 3.84 -7.17
C ASP A 77 25.87 3.77 -8.43
N GLU A 78 26.56 3.73 -9.55
CA GLU A 78 26.00 3.77 -10.88
C GLU A 78 25.34 2.46 -11.32
N SER A 79 25.80 1.32 -10.80
CA SER A 79 25.18 0.03 -11.06
C SER A 79 23.93 -0.21 -10.21
N PHE A 80 23.47 0.77 -9.43
CA PHE A 80 22.40 0.53 -8.47
C PHE A 80 21.11 0.13 -9.19
N LEU A 81 20.70 0.90 -10.20
CA LEU A 81 19.39 0.67 -10.80
C LEU A 81 19.34 -0.69 -11.48
N GLY A 82 20.41 -1.07 -12.20
CA GLY A 82 20.49 -2.42 -12.76
C GLY A 82 20.42 -3.51 -11.71
N ARG A 83 21.12 -3.32 -10.58
CA ARG A 83 21.06 -4.32 -9.52
C ARG A 83 19.68 -4.36 -8.87
N TYR A 84 19.08 -3.19 -8.66
CA TYR A 84 17.69 -3.12 -8.22
C TYR A 84 16.77 -3.88 -9.17
N MET A 85 16.83 -3.57 -10.48
CA MET A 85 15.95 -4.23 -11.44
C MET A 85 16.20 -5.73 -11.45
N SER A 86 17.46 -6.14 -11.39
CA SER A 86 17.77 -7.56 -11.43
C SER A 86 17.20 -8.28 -10.20
N ALA A 87 17.29 -7.65 -9.02
CA ALA A 87 16.66 -8.22 -7.83
C ALA A 87 15.13 -8.24 -7.97
N LEU A 88 14.55 -7.16 -8.52
CA LEU A 88 13.09 -7.04 -8.60
C LEU A 88 12.50 -8.07 -9.56
N ASN A 89 13.30 -8.52 -10.53
CA ASN A 89 12.82 -9.58 -11.43
C ASN A 89 12.48 -10.84 -10.65
N HIS A 90 13.15 -11.06 -9.50
CA HIS A 90 12.84 -12.19 -8.62
C HIS A 90 11.80 -11.83 -7.57
N THR A 91 11.98 -10.71 -6.86
CA THR A 91 11.09 -10.43 -5.72
C THR A 91 9.67 -10.18 -6.18
N LYS A 92 9.46 -9.79 -7.44
CA LYS A 92 8.10 -9.64 -7.96
C LYS A 92 7.35 -10.97 -7.98
N LYS A 93 8.05 -12.10 -7.97
CA LYS A 93 7.46 -13.44 -7.94
C LYS A 93 7.37 -14.01 -6.53
N TRP A 94 7.74 -13.24 -5.51
CA TRP A 94 7.58 -13.67 -4.13
C TRP A 94 6.16 -13.40 -3.67
N LYS A 95 5.76 -14.07 -2.59
CA LYS A 95 4.45 -13.90 -2.00
C LYS A 95 4.58 -13.15 -0.68
N PHE A 96 3.69 -12.20 -0.43
CA PHE A 96 3.78 -11.35 0.76
C PHE A 96 2.49 -11.47 1.54
N PRO A 97 2.29 -12.57 2.25
CA PRO A 97 1.04 -12.77 2.98
C PRO A 97 1.04 -11.97 4.27
N GLN A 98 -0.18 -11.60 4.70
CA GLN A 98 -0.42 -11.02 6.01
C GLN A 98 -0.32 -12.11 7.08
N VAL A 99 0.69 -12.03 7.92
CA VAL A 99 0.88 -12.95 9.05
C VAL A 99 0.94 -12.12 10.31
N GLY A 100 0.00 -12.35 11.23
CA GLY A 100 -0.06 -11.61 12.47
C GLY A 100 -0.29 -10.12 12.32
N GLY A 101 -1.09 -9.68 11.34
CA GLY A 101 -1.31 -8.27 11.07
C GLY A 101 -0.18 -7.56 10.34
N LEU A 102 0.89 -8.27 9.97
CA LEU A 102 2.05 -7.69 9.33
C LEU A 102 2.28 -8.35 7.97
N THR A 103 2.95 -7.63 7.08
CA THR A 103 3.40 -8.21 5.82
C THR A 103 4.64 -9.07 6.03
N SER A 104 4.55 -10.35 5.70
CA SER A 104 5.67 -11.28 5.79
C SER A 104 6.10 -11.69 4.37
N ILE A 105 7.05 -12.61 4.26
CA ILE A 105 7.43 -13.14 2.96
C ILE A 105 7.42 -14.66 3.01
N LYS A 106 6.69 -15.26 2.10
CA LYS A 106 6.79 -16.70 1.88
C LYS A 106 8.25 -17.09 1.61
N TRP A 107 8.68 -18.23 2.18
CA TRP A 107 10.05 -18.69 1.95
C TRP A 107 10.32 -18.87 0.46
N ALA A 108 11.49 -18.38 0.03
CA ALA A 108 11.95 -18.49 -1.34
C ALA A 108 13.35 -17.90 -1.37
N ASP A 109 14.26 -18.47 -2.18
CA ASP A 109 15.56 -17.83 -2.46
C ASP A 109 16.34 -17.45 -1.20
N ASN A 110 16.30 -18.31 -0.18
CA ASN A 110 17.01 -18.04 1.08
C ASN A 110 16.67 -16.67 1.68
N ASN A 111 15.40 -16.25 1.59
CA ASN A 111 15.02 -14.91 1.98
C ASN A 111 14.59 -14.77 3.45
N CYS A 112 14.74 -15.81 4.28
CA CYS A 112 14.20 -15.72 5.65
C CYS A 112 14.82 -14.55 6.42
N TYR A 113 16.08 -14.22 6.17
CA TYR A 113 16.62 -13.04 6.88
C TYR A 113 15.89 -11.77 6.46
N LEU A 114 15.50 -11.67 5.19
CA LEU A 114 14.83 -10.47 4.68
C LEU A 114 13.42 -10.30 5.26
N SER A 115 12.65 -11.40 5.43
CA SER A 115 11.35 -11.18 6.04
C SER A 115 11.48 -10.74 7.49
N SER A 116 12.53 -11.19 8.20
CA SER A 116 12.77 -10.65 9.53
C SER A 116 13.09 -9.15 9.49
N VAL A 117 13.91 -8.72 8.53
CA VAL A 117 14.13 -7.28 8.35
C VAL A 117 12.81 -6.58 8.06
N LEU A 118 12.06 -7.09 7.08
CA LEU A 118 10.79 -6.47 6.68
C LEU A 118 9.82 -6.44 7.85
N LEU A 119 9.73 -7.53 8.61
CA LEU A 119 8.78 -7.54 9.72
C LEU A 119 9.16 -6.51 10.77
N ALA A 120 10.46 -6.40 11.08
CA ALA A 120 10.92 -5.47 12.10
C ALA A 120 10.63 -4.03 11.69
N LEU A 121 10.89 -3.70 10.43
CA LEU A 121 10.79 -2.31 10.01
C LEU A 121 9.37 -1.77 10.10
N GLN A 122 8.36 -2.62 9.81
CA GLN A 122 6.96 -2.23 9.94
C GLN A 122 6.57 -1.93 11.38
N GLN A 123 7.34 -2.40 12.36
CA GLN A 123 7.00 -2.13 13.75
C GLN A 123 7.79 -0.98 14.35
N LEU A 124 8.72 -0.39 13.60
CA LEU A 124 9.46 0.78 14.04
C LEU A 124 8.84 2.04 13.45
N GLU A 125 8.96 3.15 14.17
CA GLU A 125 8.56 4.45 13.64
C GLU A 125 9.81 5.04 13.00
N VAL A 126 9.96 4.84 11.71
CA VAL A 126 11.15 5.27 11.00
C VAL A 126 10.75 5.88 9.66
N LYS A 127 11.43 6.95 9.25
CA LYS A 127 11.24 7.55 7.95
C LYS A 127 12.56 7.50 7.17
N PHE A 128 12.46 7.25 5.87
CA PHE A 128 13.64 7.09 5.03
C PHE A 128 14.00 8.38 4.29
N ASN A 129 15.30 8.66 4.21
CA ASN A 129 15.81 9.85 3.52
C ASN A 129 15.63 9.76 2.00
N ALA A 130 15.58 8.55 1.43
CA ALA A 130 15.52 8.37 -0.03
C ALA A 130 14.08 8.10 -0.45
N PRO A 131 13.49 8.93 -1.32
CA PRO A 131 12.09 8.68 -1.71
C PRO A 131 11.84 7.27 -2.25
N ALA A 132 12.83 6.65 -2.89
CA ALA A 132 12.62 5.29 -3.37
C ALA A 132 12.27 4.35 -2.22
N LEU A 133 12.99 4.47 -1.10
CA LEU A 133 12.72 3.62 0.05
C LEU A 133 11.43 4.01 0.75
N GLN A 134 11.18 5.31 0.90
CA GLN A 134 9.97 5.75 1.59
C GLN A 134 8.71 5.30 0.84
N GLU A 135 8.70 5.45 -0.49
CA GLU A 135 7.54 5.03 -1.28
C GLU A 135 7.37 3.51 -1.27
N ALA A 136 8.48 2.77 -1.43
CA ALA A 136 8.34 1.31 -1.45
C ALA A 136 7.99 0.77 -0.07
N TYR A 137 8.48 1.43 0.98
CA TYR A 137 8.11 1.09 2.36
C TYR A 137 6.60 1.17 2.55
N TYR A 138 5.98 2.27 2.10
CA TYR A 138 4.52 2.38 2.16
C TYR A 138 3.85 1.25 1.39
N ARG A 139 4.34 0.93 0.20
CA ARG A 139 3.68 -0.14 -0.57
C ARG A 139 3.91 -1.51 0.09
N ALA A 140 5.05 -1.69 0.76
CA ALA A 140 5.35 -2.95 1.44
C ALA A 140 4.40 -3.21 2.62
N ARG A 141 4.13 -2.18 3.44
CA ARG A 141 3.25 -2.41 4.58
C ARG A 141 1.81 -2.63 4.14
N ALA A 142 1.43 -2.10 2.98
CA ALA A 142 0.15 -2.42 2.40
C ALA A 142 0.10 -3.82 1.79
N GLY A 143 1.22 -4.50 1.63
CA GLY A 143 1.23 -5.84 1.09
C GLY A 143 2.00 -6.02 -0.20
N ASP A 144 2.41 -4.95 -0.88
CA ASP A 144 3.15 -5.06 -2.13
C ASP A 144 4.61 -4.69 -1.85
N ALA A 145 5.37 -5.65 -1.35
CA ALA A 145 6.71 -5.40 -0.85
C ALA A 145 7.80 -5.79 -1.85
N ALA A 146 7.45 -6.19 -3.06
CA ALA A 146 8.45 -6.63 -4.03
C ALA A 146 9.49 -5.54 -4.25
N ASN A 147 9.05 -4.30 -4.47
CA ASN A 147 10.00 -3.19 -4.64
C ASN A 147 10.87 -2.98 -3.41
N PHE A 148 10.24 -2.95 -2.24
CA PHE A 148 11.00 -2.72 -1.01
C PHE A 148 12.08 -3.78 -0.81
N CYS A 149 11.76 -5.06 -1.02
CA CYS A 149 12.74 -6.13 -0.89
C CYS A 149 13.88 -5.99 -1.87
N ALA A 150 13.56 -5.69 -3.13
CA ALA A 150 14.61 -5.54 -4.12
C ALA A 150 15.52 -4.35 -3.79
N LEU A 151 14.93 -3.24 -3.30
CA LEU A 151 15.74 -2.11 -2.87
C LEU A 151 16.62 -2.50 -1.68
N ILE A 152 16.08 -3.26 -0.73
CA ILE A 152 16.90 -3.63 0.43
C ILE A 152 18.12 -4.42 -0.03
N LEU A 153 17.91 -5.37 -0.95
CA LEU A 153 19.04 -6.10 -1.53
C LEU A 153 20.03 -5.15 -2.21
N ALA A 154 19.54 -4.26 -3.07
CA ALA A 154 20.45 -3.39 -3.81
C ALA A 154 21.23 -2.48 -2.88
N TYR A 155 20.55 -1.90 -1.87
CA TYR A 155 21.22 -1.05 -0.88
C TYR A 155 22.21 -1.83 0.00
N SER A 156 21.99 -3.13 0.21
CA SER A 156 22.88 -3.92 1.05
C SER A 156 24.00 -4.59 0.24
N ASN A 157 24.05 -4.36 -1.07
CA ASN A 157 24.99 -5.04 -1.95
C ASN A 157 24.89 -6.56 -1.79
N LYS A 158 23.65 -7.06 -1.79
CA LYS A 158 23.36 -8.48 -1.77
C LYS A 158 22.47 -8.83 -2.94
N THR A 159 22.59 -10.07 -3.42
CA THR A 159 21.75 -10.53 -4.50
C THR A 159 20.73 -11.55 -3.99
N VAL A 160 19.68 -11.73 -4.80
CA VAL A 160 18.65 -12.72 -4.53
C VAL A 160 19.28 -14.09 -4.42
N GLY A 161 18.97 -14.81 -3.33
CA GLY A 161 19.48 -16.14 -3.12
C GLY A 161 20.65 -16.24 -2.18
N GLU A 162 21.33 -15.13 -1.92
CA GLU A 162 22.41 -15.13 -0.93
C GLU A 162 21.83 -15.25 0.48
N LEU A 163 22.54 -15.97 1.35
CA LEU A 163 22.22 -15.92 2.77
C LEU A 163 22.55 -14.53 3.30
N GLY A 164 21.97 -14.17 4.43
CA GLY A 164 22.23 -12.86 4.99
C GLY A 164 22.12 -12.77 6.49
N ASP A 165 22.42 -11.57 6.97
CA ASP A 165 22.48 -11.21 8.38
C ASP A 165 21.57 -10.01 8.61
N VAL A 166 20.64 -10.13 9.56
CA VAL A 166 19.64 -9.08 9.80
C VAL A 166 20.32 -7.80 10.25
N ARG A 167 21.27 -7.89 11.18
CA ARG A 167 21.92 -6.70 11.68
C ARG A 167 22.68 -5.98 10.58
N GLU A 168 23.48 -6.72 9.80
CA GLU A 168 24.18 -6.11 8.67
C GLU A 168 23.21 -5.46 7.71
N THR A 169 22.08 -6.11 7.45
CA THR A 169 21.09 -5.52 6.53
C THR A 169 20.48 -4.24 7.11
N MET A 170 20.16 -4.23 8.40
CA MET A 170 19.57 -3.04 9.04
C MET A 170 20.55 -1.89 9.05
N THR A 171 21.83 -2.17 9.26
CA THR A 171 22.86 -1.14 9.22
C THR A 171 22.83 -0.36 7.90
N HIS A 172 22.81 -1.06 6.76
CA HIS A 172 22.76 -0.38 5.46
C HIS A 172 21.47 0.42 5.29
N LEU A 173 20.33 -0.17 5.67
CA LEU A 173 19.05 0.53 5.48
C LEU A 173 18.97 1.80 6.30
N LEU A 174 19.41 1.74 7.56
CA LEU A 174 19.31 2.90 8.42
C LEU A 174 20.28 4.01 8.02
N GLN A 175 21.24 3.75 7.11
CA GLN A 175 22.04 4.85 6.56
C GLN A 175 21.17 5.75 5.69
N HIS A 176 20.06 5.23 5.18
CA HIS A 176 19.10 6.01 4.42
C HIS A 176 17.86 6.33 5.23
N ALA A 177 17.94 6.23 6.56
CA ALA A 177 16.84 6.63 7.42
C ALA A 177 17.11 8.01 7.96
N ASN A 178 16.04 8.75 8.24
CA ASN A 178 16.17 10.07 8.85
C ASN A 178 16.41 9.85 10.34
N LEU A 179 17.67 9.87 10.75
CA LEU A 179 18.02 9.70 12.15
C LEU A 179 18.79 10.89 12.68
N GLU A 180 18.65 12.06 12.03
CA GLU A 180 19.45 13.21 12.42
C GLU A 180 19.11 13.67 13.84
N SER A 181 17.87 13.47 14.28
CA SER A 181 17.45 13.78 15.63
C SER A 181 17.78 12.67 16.63
N ALA A 182 18.29 11.54 16.17
CA ALA A 182 18.61 10.44 17.07
C ALA A 182 19.92 10.74 17.80
N LYS A 183 19.90 10.58 19.11
CA LYS A 183 21.10 10.89 19.89
C LYS A 183 21.23 9.92 21.05
N ARG A 184 22.46 9.54 21.34
CA ARG A 184 22.77 8.69 22.48
C ARG A 184 23.93 9.32 23.25
N VAL A 185 23.68 9.65 24.51
CA VAL A 185 24.69 10.26 25.36
C VAL A 185 25.26 9.17 26.25
N LEU A 186 26.58 8.99 26.19
CA LEU A 186 27.27 8.04 27.04
C LEU A 186 28.22 8.78 27.96
N ASN A 187 28.12 8.48 29.25
CA ASN A 187 29.01 9.07 30.24
C ASN A 187 30.18 8.13 30.45
N VAL A 188 31.39 8.60 30.17
CA VAL A 188 32.62 7.83 30.33
C VAL A 188 33.54 8.57 31.28
N VAL A 189 33.99 7.89 32.34
CA VAL A 189 34.96 8.48 33.26
C VAL A 189 35.94 7.40 33.73
N CYS A 190 37.21 7.62 33.48
CA CYS A 190 38.31 6.84 34.01
C CYS A 190 38.60 7.22 35.46
N LYS A 191 39.27 6.31 36.18
CA LYS A 191 39.77 6.69 37.50
C LYS A 191 40.85 7.75 37.38
N HIS A 192 41.54 7.82 36.24
CA HIS A 192 42.71 8.68 36.08
C HIS A 192 42.43 9.99 35.35
N CYS A 193 41.67 9.96 34.25
CA CYS A 193 41.49 11.15 33.42
C CYS A 193 40.16 11.86 33.61
N GLY A 194 39.31 11.39 34.50
CA GLY A 194 38.09 12.10 34.79
C GLY A 194 37.01 11.86 33.75
N GLN A 195 36.02 12.77 33.75
CA GLN A 195 34.76 12.55 33.04
C GLN A 195 34.80 13.08 31.62
N LYS A 196 34.10 12.38 30.73
CA LYS A 196 33.93 12.82 29.36
C LYS A 196 32.55 12.38 28.86
N THR A 197 31.99 13.18 27.95
CA THR A 197 30.66 12.94 27.43
C THR A 197 30.79 12.60 25.95
N THR A 198 30.50 11.35 25.62
CA THR A 198 30.41 10.92 24.23
C THR A 198 28.96 11.03 23.79
N THR A 199 28.75 11.63 22.63
CA THR A 199 27.42 11.75 22.06
C THR A 199 27.42 11.07 20.70
N LEU A 200 26.71 9.96 20.60
CA LEU A 200 26.50 9.27 19.34
C LEU A 200 25.24 9.79 18.68
N THR A 201 25.28 9.89 17.36
CA THR A 201 24.16 10.35 16.57
C THR A 201 23.91 9.40 15.41
N GLY A 202 22.76 9.56 14.77
CA GLY A 202 22.47 8.75 13.59
C GLY A 202 22.37 7.27 13.94
N VAL A 203 22.88 6.44 13.03
CA VAL A 203 22.69 4.99 13.15
C VAL A 203 23.36 4.47 14.42
N GLU A 204 24.50 5.06 14.79
CA GLU A 204 25.22 4.64 15.98
C GLU A 204 24.48 5.01 17.26
N ALA A 205 23.54 5.95 17.19
CA ALA A 205 22.68 6.25 18.33
C ALA A 205 21.59 5.22 18.56
N VAL A 206 21.25 4.39 17.57
CA VAL A 206 20.14 3.45 17.70
C VAL A 206 20.57 2.00 17.65
N MET A 207 21.85 1.69 17.41
CA MET A 207 22.27 0.30 17.30
C MET A 207 23.44 0.02 18.24
N TYR A 208 23.52 -1.22 18.70
CA TYR A 208 24.60 -1.66 19.56
C TYR A 208 24.86 -3.14 19.32
N MET A 209 26.12 -3.50 19.16
CA MET A 209 26.54 -4.88 18.98
C MET A 209 27.30 -5.32 20.22
N GLY A 210 26.91 -6.46 20.80
CA GLY A 210 27.60 -6.98 21.96
C GLY A 210 26.71 -7.49 23.07
N THR A 211 25.47 -7.00 23.15
CA THR A 211 24.54 -7.46 24.18
C THR A 211 23.10 -7.25 23.71
N LEU A 212 22.23 -8.18 24.08
CA LEU A 212 20.84 -8.12 23.66
C LEU A 212 20.00 -7.25 24.58
N SER A 213 20.52 -6.88 25.74
CA SER A 213 19.75 -6.23 26.77
C SER A 213 19.96 -4.71 26.71
N TYR A 214 18.86 -3.98 26.48
CA TYR A 214 18.89 -2.53 26.57
C TYR A 214 19.34 -2.04 27.96
N ASP A 215 18.96 -2.78 29.01
CA ASP A 215 19.31 -2.38 30.37
C ASP A 215 20.80 -2.49 30.64
N ASN A 216 21.49 -3.46 30.03
CA ASN A 216 22.93 -3.56 30.22
C ASN A 216 23.68 -2.36 29.66
N LEU A 217 23.06 -1.59 28.76
CA LEU A 217 23.65 -0.32 28.35
C LEU A 217 23.51 0.74 29.45
N LYS A 218 22.43 0.70 30.21
CA LYS A 218 22.29 1.62 31.33
C LYS A 218 23.20 1.26 32.50
N THR A 219 23.46 -0.04 32.72
CA THR A 219 24.26 -0.49 33.85
C THR A 219 25.77 -0.48 33.58
N GLY A 220 26.19 -0.48 32.33
CA GLY A 220 27.61 -0.28 32.05
C GLY A 220 28.27 -1.26 31.09
N VAL A 221 29.06 -0.71 30.16
CA VAL A 221 29.86 -1.45 29.19
C VAL A 221 31.32 -1.08 29.39
N SER A 222 32.22 -2.05 29.20
CA SER A 222 33.64 -1.77 29.39
C SER A 222 34.25 -1.14 28.13
N ILE A 223 35.19 -0.23 28.35
CA ILE A 223 35.66 0.69 27.31
C ILE A 223 37.18 0.81 27.39
N PRO A 224 37.89 0.86 26.26
CA PRO A 224 39.29 1.29 26.30
C PRO A 224 39.39 2.80 26.43
N CYS A 225 40.50 3.24 27.02
CA CYS A 225 40.79 4.64 27.24
C CYS A 225 42.20 4.94 26.73
N VAL A 226 42.44 6.20 26.36
CA VAL A 226 43.77 6.59 25.89
C VAL A 226 44.77 6.65 27.03
N CYS A 227 44.30 6.78 28.27
CA CYS A 227 45.18 6.67 29.42
C CYS A 227 45.88 5.31 29.44
N GLY A 228 45.09 4.23 29.48
CA GLY A 228 45.61 2.88 29.47
C GLY A 228 44.77 1.89 30.24
N ARG A 229 43.93 2.42 31.12
CA ARG A 229 43.08 1.61 31.99
C ARG A 229 41.78 1.29 31.26
N ASP A 230 40.84 0.66 31.95
CA ASP A 230 39.52 0.39 31.41
C ASP A 230 38.51 1.18 32.22
N ALA A 231 37.85 2.15 31.58
CA ALA A 231 36.81 2.94 32.23
C ALA A 231 35.46 2.22 32.06
N THR A 232 34.36 2.94 32.27
CA THR A 232 33.04 2.36 32.05
C THR A 232 32.14 3.46 31.51
N GLN A 233 31.43 3.16 30.43
CA GLN A 233 30.41 4.05 29.91
C GLN A 233 29.06 3.34 29.98
N TYR A 234 28.00 4.13 29.88
CA TYR A 234 26.62 3.63 30.05
C TYR A 234 25.68 4.75 29.63
N LEU A 235 24.41 4.40 29.53
CA LEU A 235 23.41 5.26 28.89
C LEU A 235 22.89 6.26 29.89
N VAL A 236 23.15 7.54 29.64
CA VAL A 236 22.52 8.61 30.43
C VAL A 236 21.40 9.30 29.68
N GLN A 237 21.34 9.18 28.35
CA GLN A 237 20.31 9.89 27.58
C GLN A 237 20.14 9.22 26.22
N GLN A 238 18.88 8.97 25.84
CA GLN A 238 18.57 8.37 24.55
C GLN A 238 17.42 9.12 23.93
N GLU A 239 17.59 9.57 22.69
CA GLU A 239 16.59 10.34 21.96
C GLU A 239 16.41 9.65 20.62
N SER A 240 15.39 8.81 20.52
CA SER A 240 15.09 8.09 19.30
C SER A 240 13.75 7.41 19.46
N SER A 241 13.18 7.00 18.35
CA SER A 241 11.90 6.31 18.40
C SER A 241 12.06 4.81 18.65
N PHE A 242 13.28 4.29 18.54
CA PHE A 242 13.54 2.88 18.83
C PHE A 242 15.04 2.71 19.11
N VAL A 243 15.39 1.52 19.60
CA VAL A 243 16.78 1.08 19.65
C VAL A 243 16.82 -0.37 19.25
N MET A 244 18.00 -0.80 18.78
CA MET A 244 18.21 -2.17 18.29
C MET A 244 19.44 -2.69 19.01
N MET A 245 19.27 -3.76 19.79
CA MET A 245 20.35 -4.39 20.55
C MET A 245 20.71 -5.72 19.88
N SER A 246 22.00 -5.93 19.61
CA SER A 246 22.43 -7.11 18.87
C SER A 246 23.55 -7.84 19.60
N ALA A 247 23.69 -9.14 19.29
CA ALA A 247 24.76 -9.97 19.83
C ALA A 247 24.86 -11.23 18.96
N PRO A 248 25.99 -11.95 19.05
CA PRO A 248 26.00 -13.30 18.49
C PRO A 248 24.88 -14.13 19.13
N PRO A 249 24.33 -15.11 18.38
CA PRO A 249 23.23 -15.93 18.93
C PRO A 249 23.50 -16.44 20.35
N ALA A 250 22.63 -16.07 21.28
CA ALA A 250 22.75 -16.46 22.69
C ALA A 250 21.36 -16.75 23.25
N GLU A 251 21.29 -17.68 24.20
CA GLU A 251 20.02 -17.96 24.87
C GLU A 251 19.52 -16.72 25.57
N TYR A 252 18.27 -16.36 25.30
CA TYR A 252 17.69 -15.16 25.85
C TYR A 252 16.20 -15.37 26.09
N LYS A 253 15.72 -14.93 27.24
CA LYS A 253 14.29 -14.93 27.55
C LYS A 253 13.68 -13.65 26.99
N LEU A 254 12.54 -13.79 26.33
CA LEU A 254 11.78 -12.66 25.82
C LEU A 254 10.42 -12.68 26.49
N GLN A 255 10.09 -11.61 27.19
CA GLN A 255 8.85 -11.54 27.93
C GLN A 255 7.98 -10.43 27.37
N GLN A 256 6.68 -10.68 27.31
CA GLN A 256 5.75 -9.68 26.81
C GLN A 256 5.80 -8.43 27.68
N GLY A 257 5.67 -7.27 27.04
CA GLY A 257 5.78 -6.00 27.71
C GLY A 257 7.18 -5.44 27.84
N THR A 258 8.22 -6.26 27.66
CA THR A 258 9.60 -5.85 27.88
C THR A 258 10.35 -5.53 26.58
N PHE A 259 9.75 -5.77 25.41
CA PHE A 259 10.42 -5.50 24.16
C PHE A 259 9.38 -5.23 23.08
N LEU A 260 9.85 -4.76 21.93
CA LEU A 260 9.00 -4.50 20.77
C LEU A 260 8.95 -5.72 19.85
N CYS A 261 10.10 -6.14 19.34
CA CYS A 261 10.20 -7.35 18.51
C CYS A 261 11.65 -7.82 18.53
N ALA A 262 11.88 -8.98 17.89
CA ALA A 262 13.19 -9.64 17.99
C ALA A 262 13.33 -10.65 16.87
N ASN A 263 14.55 -11.16 16.69
CA ASN A 263 14.86 -12.18 15.71
C ASN A 263 15.56 -13.34 16.39
N GLU A 264 15.01 -14.56 16.23
CA GLU A 264 15.68 -15.79 16.63
C GLU A 264 16.52 -16.30 15.47
N TYR A 265 17.63 -16.97 15.78
CA TYR A 265 18.49 -17.56 14.77
C TYR A 265 18.84 -18.97 15.20
N THR A 266 18.42 -19.96 14.43
CA THR A 266 18.72 -21.37 14.71
C THR A 266 19.61 -21.93 13.60
N GLY A 267 20.45 -22.89 13.97
CA GLY A 267 21.30 -23.57 13.01
C GLY A 267 22.73 -23.05 13.02
N ASN A 268 23.48 -23.46 12.00
CA ASN A 268 24.89 -23.12 11.92
C ASN A 268 25.07 -21.68 11.44
N TYR A 269 26.22 -21.10 11.81
CA TYR A 269 26.58 -19.78 11.31
C TYR A 269 26.67 -19.75 9.79
N GLN A 270 27.12 -20.85 9.18
CA GLN A 270 27.24 -20.90 7.72
C GLN A 270 25.90 -21.03 7.02
N CYS A 271 24.86 -21.51 7.71
CA CYS A 271 23.55 -21.74 7.06
C CYS A 271 22.50 -21.94 8.17
N GLY A 272 21.96 -20.84 8.66
CA GLY A 272 20.98 -20.86 9.72
C GLY A 272 19.62 -20.32 9.30
N HIS A 273 18.76 -20.18 10.28
CA HIS A 273 17.34 -19.93 10.06
C HIS A 273 16.92 -18.80 10.99
N TYR A 274 16.62 -17.62 10.42
CA TYR A 274 16.00 -16.54 11.18
C TYR A 274 14.47 -16.73 11.25
N THR A 275 13.90 -16.42 12.42
CA THR A 275 12.45 -16.24 12.54
C THR A 275 12.18 -15.02 13.41
N HIS A 276 11.06 -14.37 13.14
CA HIS A 276 10.71 -13.12 13.80
C HIS A 276 9.82 -13.39 15.01
N ILE A 277 10.12 -12.71 16.12
CA ILE A 277 9.32 -12.74 17.34
C ILE A 277 8.79 -11.34 17.57
N THR A 278 7.48 -11.21 17.69
CA THR A 278 6.88 -9.92 18.02
C THR A 278 6.00 -10.07 19.25
N ALA A 279 5.50 -8.94 19.76
CA ALA A 279 4.79 -8.89 21.05
C ALA A 279 3.50 -8.10 20.88
N LYS A 280 2.37 -8.80 20.89
CA LYS A 280 1.06 -8.16 20.82
C LYS A 280 0.28 -8.45 22.08
N GLU A 281 -0.94 -9.01 21.94
CA GLU A 281 -1.66 -9.48 23.11
C GLU A 281 -0.97 -10.70 23.74
N THR A 282 -0.19 -11.43 22.92
CA THR A 282 0.70 -12.48 23.39
C THR A 282 1.92 -12.47 22.47
N LEU A 283 2.83 -13.43 22.66
CA LEU A 283 4.00 -13.49 21.81
C LEU A 283 3.65 -14.22 20.51
N TYR A 284 4.08 -13.65 19.39
CA TYR A 284 3.95 -14.25 18.07
C TYR A 284 5.32 -14.69 17.58
N ARG A 285 5.37 -15.83 16.91
CA ARG A 285 6.52 -16.21 16.12
C ARG A 285 6.08 -16.20 14.66
N ILE A 286 6.76 -15.40 13.84
CA ILE A 286 6.42 -15.28 12.43
C ILE A 286 7.58 -15.86 11.63
N ASP A 287 7.33 -16.99 10.97
CA ASP A 287 8.33 -17.73 10.22
C ASP A 287 7.86 -17.79 8.76
N GLY A 288 8.23 -16.79 7.98
CA GLY A 288 7.67 -16.64 6.64
C GLY A 288 6.14 -16.55 6.71
N ALA A 289 5.47 -17.51 6.08
CA ALA A 289 4.01 -17.52 6.05
C ALA A 289 3.39 -18.26 7.24
N HIS A 290 4.18 -18.64 8.25
CA HIS A 290 3.70 -19.51 9.32
C HIS A 290 3.73 -18.78 10.65
N LEU A 291 2.60 -18.75 11.33
CA LEU A 291 2.46 -18.07 12.61
C LEU A 291 2.33 -19.08 13.73
N THR A 292 2.99 -18.81 14.86
CA THR A 292 2.82 -19.60 16.07
C THR A 292 2.67 -18.63 17.23
N LYS A 293 1.65 -18.85 18.05
CA LYS A 293 1.49 -18.06 19.26
C LYS A 293 2.09 -18.82 20.43
N MET A 294 2.64 -18.08 21.39
CA MET A 294 3.36 -18.71 22.49
C MET A 294 3.20 -17.90 23.76
N SER A 295 3.19 -18.60 24.89
CA SER A 295 3.07 -17.95 26.19
C SER A 295 4.37 -17.26 26.57
N GLU A 296 5.45 -18.03 26.64
CA GLU A 296 6.79 -17.58 26.94
C GLU A 296 7.69 -17.83 25.73
N TYR A 297 8.89 -17.27 25.79
CA TYR A 297 9.92 -17.62 24.82
C TYR A 297 11.29 -17.65 25.48
N LYS A 298 12.06 -18.68 25.18
CA LYS A 298 13.48 -18.75 25.50
C LYS A 298 14.16 -19.44 24.33
N GLY A 299 15.13 -18.77 23.73
CA GLY A 299 15.70 -19.27 22.51
C GLY A 299 16.92 -18.49 22.06
N PRO A 300 17.51 -18.92 20.95
CA PRO A 300 18.71 -18.25 20.42
C PRO A 300 18.32 -16.97 19.69
N VAL A 301 18.60 -15.84 20.33
CA VAL A 301 18.25 -14.53 19.80
C VAL A 301 19.51 -13.80 19.40
N THR A 302 19.44 -13.03 18.32
CA THR A 302 20.54 -12.20 17.88
C THR A 302 20.22 -10.71 17.87
N ASP A 303 18.95 -10.33 17.82
CA ASP A 303 18.59 -8.92 17.77
C ASP A 303 17.29 -8.72 18.53
N VAL A 304 17.24 -7.67 19.36
CA VAL A 304 16.02 -7.27 20.05
C VAL A 304 15.82 -5.79 19.80
N PHE A 305 14.59 -5.40 19.47
CA PHE A 305 14.20 -4.02 19.25
C PHE A 305 13.35 -3.57 20.43
N TYR A 306 13.54 -2.29 20.82
CA TYR A 306 12.82 -1.71 21.94
C TYR A 306 12.19 -0.40 21.51
N LYS A 307 10.97 -0.14 21.97
CA LYS A 307 10.31 1.14 21.78
C LYS A 307 10.98 2.22 22.65
N GLU A 308 11.03 3.45 22.14
CA GLU A 308 11.72 4.54 22.82
C GLU A 308 11.12 5.86 22.38
N THR A 309 11.40 6.91 23.15
CA THR A 309 11.01 8.26 22.74
C THR A 309 12.02 9.30 23.23
N SER A 310 12.11 9.45 24.55
CA SER A 310 12.94 10.45 25.20
C SER A 310 13.32 9.85 26.52
N TYR A 311 14.62 9.67 26.73
CA TYR A 311 15.12 9.07 27.96
C TYR A 311 16.23 9.96 28.50
N THR A 312 16.12 10.34 29.78
CA THR A 312 17.08 11.22 30.43
C THR A 312 17.29 10.80 31.87
N THR A 313 18.52 10.96 32.33
CA THR A 313 18.84 11.03 33.75
C THR A 313 19.14 12.46 34.17
N THR A 314 18.84 13.44 33.32
CA THR A 314 19.08 14.87 33.54
C THR A 314 20.44 15.17 34.15
N LYS B 4 -3.63 -37.31 14.66
CA LYS B 4 -2.89 -36.50 13.69
C LYS B 4 -3.57 -35.13 13.46
N THR B 5 -2.92 -34.06 13.91
CA THR B 5 -3.49 -32.72 13.81
C THR B 5 -2.42 -31.70 13.46
N ILE B 6 -2.87 -30.53 13.02
CA ILE B 6 -2.01 -29.36 12.90
C ILE B 6 -2.73 -28.18 13.53
N LYS B 7 -1.96 -27.17 13.93
CA LYS B 7 -2.49 -25.92 14.42
C LYS B 7 -2.62 -24.93 13.26
N VAL B 8 -3.81 -24.35 13.10
CA VAL B 8 -4.02 -23.24 12.19
C VAL B 8 -4.72 -22.11 12.93
N PHE B 9 -4.97 -21.01 12.22
CA PHE B 9 -5.74 -19.88 12.74
C PHE B 9 -6.93 -19.62 11.82
N THR B 10 -8.09 -19.37 12.46
CA THR B 10 -9.31 -18.93 11.79
C THR B 10 -9.56 -17.47 12.10
N THR B 11 -10.22 -16.77 11.18
CA THR B 11 -10.54 -15.36 11.37
C THR B 11 -11.75 -14.99 10.51
N VAL B 12 -12.41 -13.90 10.89
CA VAL B 12 -13.36 -13.24 9.98
C VAL B 12 -12.95 -11.83 9.60
N ASP B 13 -12.04 -11.19 10.31
CA ASP B 13 -11.62 -9.82 10.00
C ASP B 13 -10.14 -9.68 9.68
N ASN B 14 -9.39 -10.78 9.61
CA ASN B 14 -7.94 -10.76 9.38
C ASN B 14 -7.18 -10.00 10.47
N THR B 15 -7.83 -9.69 11.58
CA THR B 15 -7.18 -9.05 12.73
C THR B 15 -7.20 -9.95 13.95
N ASN B 16 -8.36 -10.36 14.43
CA ASN B 16 -8.44 -11.30 15.52
C ASN B 16 -8.33 -12.72 14.97
N LEU B 17 -7.29 -13.42 15.39
CA LEU B 17 -7.05 -14.80 14.98
C LEU B 17 -7.39 -15.74 16.13
N HIS B 18 -7.97 -16.89 15.79
CA HIS B 18 -8.43 -17.88 16.77
C HIS B 18 -7.71 -19.17 16.47
N THR B 19 -6.94 -19.66 17.45
CA THR B 19 -6.15 -20.87 17.27
C THR B 19 -7.06 -22.09 17.24
N GLN B 20 -6.80 -22.98 16.28
CA GLN B 20 -7.57 -24.21 16.11
C GLN B 20 -6.62 -25.39 15.95
N LEU B 21 -6.97 -26.51 16.57
CA LEU B 21 -6.34 -27.80 16.28
C LEU B 21 -7.26 -28.51 15.31
N VAL B 22 -6.76 -28.78 14.09
CA VAL B 22 -7.59 -29.27 13.02
C VAL B 22 -7.15 -30.70 12.68
N ASP B 23 -8.13 -31.60 12.55
CA ASP B 23 -7.86 -33.03 12.37
C ASP B 23 -7.50 -33.29 10.91
N MET B 24 -6.36 -33.94 10.71
CA MET B 24 -5.88 -34.22 9.35
C MET B 24 -6.83 -35.14 8.58
N SER B 25 -7.62 -35.96 9.27
CA SER B 25 -8.48 -36.93 8.60
C SER B 25 -9.86 -36.36 8.21
N MET B 26 -10.25 -35.20 8.73
CA MET B 26 -11.49 -34.54 8.33
C MET B 26 -11.21 -33.33 7.46
N THR B 27 -12.18 -32.98 6.61
CA THR B 27 -12.03 -31.76 5.82
C THR B 27 -12.20 -30.52 6.70
N TYR B 28 -11.70 -29.39 6.20
CA TYR B 28 -11.98 -28.11 6.82
C TYR B 28 -13.48 -27.86 6.96
N GLY B 29 -14.27 -28.30 5.97
CA GLY B 29 -15.71 -28.08 6.03
C GLY B 29 -16.34 -28.76 7.22
N GLN B 30 -15.96 -30.01 7.47
CA GLN B 30 -16.48 -30.75 8.63
C GLN B 30 -16.14 -30.09 9.95
N GLN B 31 -15.09 -29.26 10.00
CA GLN B 31 -14.57 -28.71 11.24
C GLN B 31 -14.94 -27.25 11.47
N PHE B 32 -15.02 -26.43 10.42
CA PHE B 32 -15.36 -25.02 10.58
C PHE B 32 -16.58 -24.57 9.79
N GLY B 33 -17.17 -25.43 8.97
CA GLY B 33 -18.06 -24.99 7.92
C GLY B 33 -17.23 -24.37 6.79
N PRO B 34 -17.88 -23.56 5.92
CA PRO B 34 -17.15 -22.90 4.81
C PRO B 34 -15.85 -22.22 5.23
N THR B 35 -14.73 -22.67 4.65
CA THR B 35 -13.38 -22.28 5.03
C THR B 35 -12.62 -21.83 3.80
N TYR B 36 -11.86 -20.72 3.93
CA TYR B 36 -11.16 -20.12 2.81
C TYR B 36 -9.71 -19.85 3.15
N LEU B 37 -8.82 -20.15 2.20
CA LEU B 37 -7.39 -19.85 2.30
C LEU B 37 -7.03 -18.89 1.17
N ASP B 38 -6.76 -17.63 1.52
CA ASP B 38 -6.34 -16.62 0.54
C ASP B 38 -7.34 -16.51 -0.60
N GLY B 39 -8.64 -16.57 -0.26
CA GLY B 39 -9.68 -16.50 -1.23
C GLY B 39 -10.14 -17.84 -1.79
N ALA B 40 -9.29 -18.87 -1.74
CA ALA B 40 -9.64 -20.15 -2.34
C ALA B 40 -10.49 -20.99 -1.39
N ASP B 41 -11.56 -21.59 -1.93
CA ASP B 41 -12.47 -22.41 -1.14
C ASP B 41 -11.81 -23.74 -0.81
N VAL B 42 -11.52 -23.96 0.48
CA VAL B 42 -10.86 -25.18 0.94
C VAL B 42 -11.82 -26.03 1.76
N THR B 43 -13.12 -25.71 1.71
CA THR B 43 -14.13 -26.45 2.46
C THR B 43 -14.02 -27.95 2.26
N LYS B 44 -13.81 -28.39 1.01
CA LYS B 44 -13.87 -29.81 0.70
C LYS B 44 -12.52 -30.50 0.79
N ILE B 45 -11.45 -29.79 1.14
CA ILE B 45 -10.14 -30.42 1.19
C ILE B 45 -9.72 -30.64 2.64
N LYS B 46 -8.89 -31.63 2.84
CA LYS B 46 -8.29 -31.95 4.11
C LYS B 46 -7.03 -31.14 4.33
N PRO B 47 -6.70 -30.87 5.60
CA PRO B 47 -5.51 -30.05 5.90
C PRO B 47 -4.26 -30.65 5.29
N HIS B 48 -3.45 -29.78 4.68
CA HIS B 48 -2.13 -30.09 4.16
C HIS B 48 -1.09 -29.85 5.24
N VAL B 49 0.08 -30.47 5.11
CA VAL B 49 1.09 -30.30 6.15
C VAL B 49 1.59 -28.85 6.20
N ASN B 50 1.77 -28.21 5.04
CA ASN B 50 2.21 -26.82 4.94
C ASN B 50 1.15 -25.81 5.40
N HIS B 51 -0.05 -26.27 5.77
CA HIS B 51 -1.08 -25.36 6.29
C HIS B 51 -0.83 -24.97 7.75
N GLU B 52 0.10 -25.64 8.44
CA GLU B 52 0.37 -25.33 9.83
C GLU B 52 0.76 -23.87 9.99
N GLY B 53 0.12 -23.19 10.95
CA GLY B 53 0.37 -21.80 11.20
C GLY B 53 -0.21 -20.82 10.20
N LYS B 54 -0.99 -21.28 9.23
CA LYS B 54 -1.62 -20.34 8.30
C LYS B 54 -2.97 -19.87 8.83
N THR B 55 -3.53 -18.87 8.16
CA THR B 55 -4.76 -18.24 8.60
C THR B 55 -5.85 -18.45 7.57
N PHE B 56 -7.00 -18.89 8.04
CA PHE B 56 -8.13 -19.29 7.21
C PHE B 56 -9.31 -18.40 7.54
N PHE B 57 -10.04 -18.00 6.49
CA PHE B 57 -11.30 -17.28 6.69
C PHE B 57 -12.43 -18.28 6.81
N VAL B 58 -13.32 -18.03 7.77
CA VAL B 58 -14.50 -18.86 7.97
C VAL B 58 -15.69 -17.92 8.17
N LEU B 59 -16.90 -18.52 8.18
CA LEU B 59 -18.10 -17.74 8.45
C LEU B 59 -18.34 -17.67 9.96
N PRO B 60 -18.93 -16.56 10.43
CA PRO B 60 -19.13 -16.40 11.87
C PRO B 60 -20.12 -17.44 12.43
N SER B 61 -19.60 -18.36 13.24
CA SER B 61 -20.41 -19.47 13.77
C SER B 61 -20.74 -19.36 15.25
N ASP B 62 -20.16 -18.40 15.98
CA ASP B 62 -20.46 -18.21 17.40
C ASP B 62 -20.57 -16.71 17.69
N ASP B 63 -20.74 -16.36 18.97
CA ASP B 63 -21.00 -14.97 19.35
C ASP B 63 -19.78 -14.08 19.07
N THR B 64 -18.58 -14.56 19.42
CA THR B 64 -17.38 -13.75 19.21
C THR B 64 -17.15 -13.47 17.74
N LEU B 65 -17.31 -14.49 16.89
CA LEU B 65 -17.08 -14.28 15.45
C LEU B 65 -18.15 -13.37 14.84
N ARG B 66 -19.41 -13.55 15.26
CA ARG B 66 -20.45 -12.65 14.79
C ARG B 66 -20.13 -11.21 15.14
N SER B 67 -19.68 -10.97 16.38
CA SER B 67 -19.32 -9.62 16.80
C SER B 67 -18.17 -9.07 15.96
N GLU B 68 -17.10 -9.85 15.79
CA GLU B 68 -15.95 -9.38 15.01
C GLU B 68 -16.34 -9.13 13.57
N ALA B 69 -17.06 -10.07 12.96
CA ALA B 69 -17.51 -9.87 11.59
C ALA B 69 -18.38 -8.62 11.48
N PHE B 70 -19.30 -8.43 12.42
CA PHE B 70 -20.22 -7.30 12.30
C PHE B 70 -19.50 -5.96 12.50
N GLU B 71 -18.61 -5.86 13.49
CA GLU B 71 -17.88 -4.61 13.70
C GLU B 71 -16.93 -4.31 12.55
N TYR B 72 -16.47 -5.34 11.82
CA TYR B 72 -15.48 -5.10 10.78
C TYR B 72 -16.10 -4.76 9.43
N TYR B 73 -17.08 -5.56 8.98
CA TYR B 73 -17.77 -5.37 7.70
C TYR B 73 -19.05 -4.56 7.81
N HIS B 74 -19.54 -4.30 9.03
CA HIS B 74 -20.82 -3.63 9.24
C HIS B 74 -21.95 -4.37 8.54
N THR B 75 -21.83 -5.69 8.47
CA THR B 75 -22.93 -6.55 8.04
C THR B 75 -22.70 -7.96 8.55
N LEU B 76 -23.80 -8.69 8.77
CA LEU B 76 -23.76 -10.11 9.11
C LEU B 76 -24.44 -10.96 8.03
N ASP B 77 -24.59 -10.40 6.84
CA ASP B 77 -25.01 -11.16 5.67
C ASP B 77 -24.22 -12.44 5.52
N GLU B 78 -24.87 -13.60 5.72
CA GLU B 78 -24.17 -14.87 5.61
C GLU B 78 -23.57 -15.10 4.22
N SER B 79 -24.20 -14.54 3.20
CA SER B 79 -23.67 -14.64 1.84
C SER B 79 -22.43 -13.77 1.61
N PHE B 80 -22.15 -12.81 2.50
CA PHE B 80 -21.17 -11.77 2.19
C PHE B 80 -19.75 -12.34 2.04
N LEU B 81 -19.26 -13.04 3.05
CA LEU B 81 -17.88 -13.50 2.99
C LEU B 81 -17.67 -14.47 1.83
N GLY B 82 -18.69 -15.25 1.48
CA GLY B 82 -18.58 -16.10 0.30
C GLY B 82 -18.36 -15.29 -0.97
N ARG B 83 -19.19 -14.26 -1.18
CA ARG B 83 -19.01 -13.40 -2.35
C ARG B 83 -17.69 -12.63 -2.28
N TYR B 84 -17.28 -12.23 -1.07
CA TYR B 84 -16.01 -11.54 -0.88
C TYR B 84 -14.84 -12.46 -1.27
N MET B 85 -14.85 -13.70 -0.80
CA MET B 85 -13.73 -14.60 -1.07
C MET B 85 -13.66 -15.00 -2.53
N SER B 86 -14.81 -15.26 -3.18
CA SER B 86 -14.78 -15.58 -4.60
C SER B 86 -14.24 -14.41 -5.43
N ALA B 87 -14.65 -13.19 -5.12
CA ALA B 87 -14.11 -12.05 -5.86
C ALA B 87 -12.61 -11.91 -5.59
N LEU B 88 -12.20 -12.07 -4.33
CA LEU B 88 -10.81 -11.88 -3.98
C LEU B 88 -9.91 -12.92 -4.62
N ASN B 89 -10.41 -14.13 -4.80
CA ASN B 89 -9.64 -15.18 -5.46
C ASN B 89 -9.21 -14.77 -6.87
N HIS B 90 -9.91 -13.81 -7.48
CA HIS B 90 -9.53 -13.22 -8.75
C HIS B 90 -8.73 -11.94 -8.60
N THR B 91 -9.13 -11.05 -7.69
CA THR B 91 -8.48 -9.74 -7.69
C THR B 91 -7.08 -9.81 -7.14
N LYS B 92 -6.76 -10.83 -6.31
CA LYS B 92 -5.39 -11.01 -5.85
C LYS B 92 -4.43 -11.29 -7.01
N LYS B 93 -4.95 -11.67 -8.18
CA LYS B 93 -4.16 -11.89 -9.38
C LYS B 93 -4.09 -10.65 -10.28
N TRP B 94 -4.87 -9.61 -9.98
CA TRP B 94 -4.80 -8.38 -10.75
C TRP B 94 -3.47 -7.67 -10.47
N LYS B 95 -3.08 -6.80 -11.39
CA LYS B 95 -1.88 -6.02 -11.24
C LYS B 95 -2.28 -4.56 -11.02
N PHE B 96 -1.58 -3.88 -10.13
CA PHE B 96 -1.93 -2.51 -9.74
C PHE B 96 -0.73 -1.60 -9.95
N PRO B 97 -0.40 -1.28 -11.20
CA PRO B 97 0.77 -0.43 -11.46
C PRO B 97 0.52 1.02 -11.11
N GLN B 98 1.59 1.71 -10.74
CA GLN B 98 1.54 3.16 -10.59
C GLN B 98 1.62 3.79 -11.98
N VAL B 99 0.60 4.58 -12.34
CA VAL B 99 0.47 5.18 -13.65
C VAL B 99 0.14 6.65 -13.45
N GLY B 100 1.03 7.53 -13.87
CA GLY B 100 0.83 8.96 -13.63
C GLY B 100 0.75 9.34 -12.16
N GLY B 101 1.44 8.63 -11.29
CA GLY B 101 1.44 8.94 -9.86
C GLY B 101 0.36 8.28 -9.05
N LEU B 102 -0.52 7.50 -9.67
CA LEU B 102 -1.67 6.93 -8.99
C LEU B 102 -1.70 5.41 -9.19
N THR B 103 -2.37 4.72 -8.27
CA THR B 103 -2.59 3.29 -8.41
C THR B 103 -3.75 3.04 -9.38
N SER B 104 -3.46 2.36 -10.48
CA SER B 104 -4.42 1.97 -11.49
C SER B 104 -4.51 0.45 -11.49
N ILE B 105 -5.31 -0.10 -12.42
CA ILE B 105 -5.46 -1.55 -12.51
C ILE B 105 -5.22 -1.99 -13.95
N LYS B 106 -4.26 -2.88 -14.16
CA LYS B 106 -4.06 -3.48 -15.47
C LYS B 106 -5.35 -4.17 -15.94
N TRP B 107 -5.62 -4.04 -17.24
CA TRP B 107 -6.81 -4.62 -17.86
C TRP B 107 -6.97 -6.10 -17.54
N ALA B 108 -8.14 -6.45 -17.03
CA ALA B 108 -8.52 -7.85 -16.79
C ALA B 108 -9.98 -7.88 -16.40
N ASP B 109 -10.70 -8.91 -16.86
CA ASP B 109 -12.05 -9.22 -16.36
C ASP B 109 -12.97 -8.02 -16.37
N ASN B 110 -12.91 -7.21 -17.43
CA ASN B 110 -13.76 -6.03 -17.58
C ASN B 110 -13.63 -5.07 -16.38
N ASN B 111 -12.43 -4.95 -15.81
CA ASN B 111 -12.26 -4.15 -14.60
C ASN B 111 -12.07 -2.66 -14.85
N CYS B 112 -12.23 -2.20 -16.10
CA CYS B 112 -11.90 -0.82 -16.43
C CYS B 112 -12.77 0.17 -15.64
N TYR B 113 -14.01 -0.18 -15.33
CA TYR B 113 -14.84 0.75 -14.55
C TYR B 113 -14.40 0.81 -13.09
N LEU B 114 -13.89 -0.30 -12.55
CA LEU B 114 -13.35 -0.25 -11.20
C LEU B 114 -12.02 0.51 -11.18
N SER B 115 -11.26 0.44 -12.27
CA SER B 115 -10.04 1.22 -12.35
C SER B 115 -10.33 2.71 -12.28
N SER B 116 -11.37 3.16 -12.98
CA SER B 116 -11.76 4.56 -12.90
C SER B 116 -12.23 4.91 -11.50
N VAL B 117 -12.98 4.01 -10.86
CA VAL B 117 -13.45 4.27 -9.50
C VAL B 117 -12.26 4.45 -8.55
N LEU B 118 -11.31 3.52 -8.61
CA LEU B 118 -10.15 3.59 -7.71
C LEU B 118 -9.33 4.84 -7.99
N LEU B 119 -9.15 5.19 -9.27
CA LEU B 119 -8.35 6.36 -9.61
C LEU B 119 -9.00 7.65 -9.12
N ALA B 120 -10.33 7.77 -9.22
CA ALA B 120 -11.00 8.98 -8.73
C ALA B 120 -10.92 9.08 -7.21
N LEU B 121 -11.22 7.99 -6.50
CA LEU B 121 -11.20 8.02 -5.04
C LEU B 121 -9.86 8.53 -4.50
N GLN B 122 -8.75 8.17 -5.14
CA GLN B 122 -7.43 8.60 -4.68
C GLN B 122 -7.27 10.11 -4.75
N GLN B 123 -8.06 10.81 -5.55
CA GLN B 123 -8.00 12.27 -5.62
C GLN B 123 -9.10 12.94 -4.81
N LEU B 124 -9.82 12.18 -4.00
CA LEU B 124 -10.87 12.74 -3.17
C LEU B 124 -10.53 12.54 -1.70
N GLU B 125 -11.05 13.41 -0.86
CA GLU B 125 -10.89 13.26 0.58
C GLU B 125 -12.13 12.51 1.08
N VAL B 126 -11.98 11.20 1.22
CA VAL B 126 -13.08 10.30 1.54
C VAL B 126 -12.62 9.34 2.62
N LYS B 127 -13.50 9.08 3.58
CA LYS B 127 -13.27 8.10 4.63
C LYS B 127 -14.48 7.17 4.72
N PHE B 128 -14.23 5.87 4.81
CA PHE B 128 -15.30 4.89 4.90
C PHE B 128 -15.62 4.52 6.35
N ASN B 129 -16.92 4.31 6.62
CA ASN B 129 -17.38 3.90 7.95
C ASN B 129 -16.87 2.50 8.33
N ALA B 130 -17.01 1.52 7.46
CA ALA B 130 -16.62 0.15 7.82
C ALA B 130 -15.10 0.02 7.90
N PRO B 131 -14.55 -0.43 9.04
CA PRO B 131 -13.11 -0.77 9.09
C PRO B 131 -12.63 -1.64 7.92
N ALA B 132 -13.42 -2.61 7.45
CA ALA B 132 -12.97 -3.43 6.32
C ALA B 132 -12.68 -2.59 5.08
N LEU B 133 -13.59 -1.65 4.76
CA LEU B 133 -13.43 -0.80 3.59
C LEU B 133 -12.29 0.18 3.77
N GLN B 134 -12.22 0.80 4.96
CA GLN B 134 -11.21 1.81 5.23
C GLN B 134 -9.80 1.21 5.21
N GLU B 135 -9.62 0.04 5.84
CA GLU B 135 -8.32 -0.61 5.80
C GLU B 135 -7.96 -1.03 4.39
N ALA B 136 -8.92 -1.56 3.64
CA ALA B 136 -8.62 -2.02 2.30
C ALA B 136 -8.35 -0.84 1.37
N TYR B 137 -9.07 0.26 1.58
CA TYR B 137 -8.85 1.48 0.80
C TYR B 137 -7.43 2.03 1.04
N TYR B 138 -7.01 2.12 2.30
CA TYR B 138 -5.65 2.56 2.58
C TYR B 138 -4.63 1.64 1.92
N ARG B 139 -4.87 0.33 1.94
CA ARG B 139 -3.95 -0.56 1.25
C ARG B 139 -3.95 -0.27 -0.27
N ALA B 140 -5.13 0.01 -0.85
CA ALA B 140 -5.26 0.27 -2.28
C ALA B 140 -4.51 1.53 -2.71
N ARG B 141 -4.60 2.61 -1.92
CA ARG B 141 -3.89 3.83 -2.25
C ARG B 141 -2.38 3.63 -2.26
N ALA B 142 -1.89 2.70 -1.44
CA ALA B 142 -0.45 2.45 -1.38
C ALA B 142 -0.02 1.39 -2.37
N GLY B 143 -0.92 0.87 -3.21
CA GLY B 143 -0.54 0.02 -4.33
C GLY B 143 -1.03 -1.42 -4.30
N ASP B 144 -1.77 -1.83 -3.28
CA ASP B 144 -2.29 -3.19 -3.17
C ASP B 144 -3.79 -3.12 -3.02
N ALA B 145 -4.50 -3.07 -4.15
CA ALA B 145 -5.94 -2.84 -4.14
C ALA B 145 -6.76 -4.12 -4.23
N ALA B 146 -6.13 -5.30 -4.08
CA ALA B 146 -6.86 -6.55 -4.30
C ALA B 146 -8.06 -6.66 -3.36
N ASN B 147 -7.84 -6.45 -2.06
CA ASN B 147 -8.96 -6.60 -1.14
C ASN B 147 -10.01 -5.51 -1.36
N PHE B 148 -9.57 -4.30 -1.68
CA PHE B 148 -10.51 -3.21 -1.90
C PHE B 148 -11.46 -3.52 -3.06
N CYS B 149 -10.91 -3.90 -4.23
CA CYS B 149 -11.79 -4.23 -5.36
C CYS B 149 -12.72 -5.40 -5.03
N ALA B 150 -12.24 -6.38 -4.28
CA ALA B 150 -13.09 -7.52 -3.93
C ALA B 150 -14.25 -7.08 -3.06
N LEU B 151 -13.99 -6.21 -2.08
CA LEU B 151 -15.03 -5.68 -1.21
C LEU B 151 -16.02 -4.81 -1.98
N ILE B 152 -15.54 -3.95 -2.89
CA ILE B 152 -16.43 -3.14 -3.71
C ILE B 152 -17.45 -4.03 -4.40
N LEU B 153 -16.98 -5.12 -5.01
CA LEU B 153 -17.87 -6.05 -5.68
C LEU B 153 -18.79 -6.75 -4.69
N ALA B 154 -18.26 -7.20 -3.55
CA ALA B 154 -19.10 -7.92 -2.61
C ALA B 154 -20.16 -7.01 -2.00
N TYR B 155 -19.79 -5.76 -1.72
CA TYR B 155 -20.75 -4.82 -1.15
C TYR B 155 -21.83 -4.43 -2.14
N SER B 156 -21.52 -4.35 -3.43
CA SER B 156 -22.51 -3.98 -4.43
C SER B 156 -23.15 -5.18 -5.12
N ASN B 157 -22.90 -6.40 -4.62
CA ASN B 157 -23.48 -7.62 -5.16
C ASN B 157 -23.20 -7.76 -6.65
N LYS B 158 -21.94 -7.52 -7.01
CA LYS B 158 -21.44 -7.69 -8.36
C LYS B 158 -20.30 -8.70 -8.32
N THR B 159 -20.09 -9.39 -9.45
CA THR B 159 -19.08 -10.44 -9.53
C THR B 159 -17.96 -10.02 -10.48
N VAL B 160 -16.81 -10.68 -10.30
CA VAL B 160 -15.68 -10.48 -11.19
C VAL B 160 -16.07 -10.87 -12.61
N GLY B 161 -15.78 -9.97 -13.56
CA GLY B 161 -16.06 -10.20 -14.95
C GLY B 161 -17.25 -9.43 -15.49
N GLU B 162 -18.19 -9.05 -14.63
CA GLU B 162 -19.32 -8.22 -15.06
C GLU B 162 -18.83 -6.86 -15.55
N LEU B 163 -19.53 -6.32 -16.55
CA LEU B 163 -19.31 -4.93 -16.91
C LEU B 163 -19.90 -4.03 -15.81
N GLY B 164 -19.49 -2.76 -15.80
CA GLY B 164 -20.01 -1.88 -14.77
C GLY B 164 -20.17 -0.43 -15.18
N ASP B 165 -20.71 0.35 -14.25
CA ASP B 165 -20.98 1.77 -14.44
C ASP B 165 -20.32 2.52 -13.28
N VAL B 166 -19.45 3.48 -13.61
CA VAL B 166 -18.65 4.17 -12.61
C VAL B 166 -19.54 4.93 -11.65
N ARG B 167 -20.52 5.68 -12.19
CA ARG B 167 -21.38 6.49 -11.33
C ARG B 167 -22.16 5.62 -10.34
N GLU B 168 -22.72 4.51 -10.82
CA GLU B 168 -23.43 3.56 -9.95
C GLU B 168 -22.49 2.98 -8.89
N THR B 169 -21.34 2.48 -9.31
CA THR B 169 -20.40 1.95 -8.33
C THR B 169 -19.99 3.02 -7.33
N MET B 170 -19.68 4.24 -7.81
CA MET B 170 -19.28 5.31 -6.90
C MET B 170 -20.40 5.65 -5.93
N THR B 171 -21.66 5.66 -6.39
CA THR B 171 -22.79 5.93 -5.52
C THR B 171 -22.90 4.88 -4.41
N HIS B 172 -22.88 3.60 -4.78
CA HIS B 172 -22.95 2.54 -3.77
C HIS B 172 -21.79 2.66 -2.78
N LEU B 173 -20.58 2.97 -3.29
CA LEU B 173 -19.42 3.13 -2.41
C LEU B 173 -19.61 4.27 -1.42
N LEU B 174 -20.08 5.43 -1.90
CA LEU B 174 -20.11 6.62 -1.04
C LEU B 174 -21.25 6.60 -0.02
N GLN B 175 -22.26 5.75 -0.22
CA GLN B 175 -23.23 5.51 0.84
C GLN B 175 -22.57 4.85 2.05
N HIS B 176 -21.43 4.19 1.85
CA HIS B 176 -20.62 3.61 2.91
C HIS B 176 -19.56 4.57 3.46
N ALA B 177 -19.50 5.80 2.95
CA ALA B 177 -18.52 6.78 3.38
C ALA B 177 -19.17 7.81 4.28
N ASN B 178 -18.35 8.47 5.08
CA ASN B 178 -18.90 9.51 5.95
C ASN B 178 -18.95 10.83 5.19
N LEU B 179 -20.13 11.17 4.70
CA LEU B 179 -20.40 12.47 4.10
C LEU B 179 -21.49 13.19 4.87
N GLU B 180 -21.51 12.98 6.19
CA GLU B 180 -22.55 13.56 7.03
C GLU B 180 -22.49 15.07 7.08
N SER B 181 -21.33 15.65 6.78
CA SER B 181 -21.19 17.10 6.69
C SER B 181 -21.52 17.65 5.31
N ALA B 182 -21.70 16.80 4.30
CA ALA B 182 -22.00 17.28 2.96
C ALA B 182 -23.41 17.86 2.92
N LYS B 183 -23.56 19.06 2.34
CA LYS B 183 -24.85 19.72 2.28
C LYS B 183 -25.05 20.39 0.93
N ARG B 184 -26.27 20.32 0.39
CA ARG B 184 -26.60 20.99 -0.87
C ARG B 184 -27.98 21.61 -0.78
N VAL B 185 -28.09 22.84 -1.28
CA VAL B 185 -29.35 23.57 -1.34
C VAL B 185 -29.58 23.96 -2.81
N LEU B 186 -30.68 23.49 -3.36
CA LEU B 186 -31.08 23.74 -4.74
C LEU B 186 -32.37 24.55 -4.78
N ASN B 187 -32.43 25.50 -5.70
CA ASN B 187 -33.60 26.33 -5.89
C ASN B 187 -34.24 25.98 -7.22
N VAL B 188 -35.54 25.71 -7.20
CA VAL B 188 -36.30 25.46 -8.40
C VAL B 188 -37.26 26.64 -8.57
N VAL B 189 -37.08 27.42 -9.64
CA VAL B 189 -37.85 28.64 -9.85
C VAL B 189 -38.65 28.53 -11.13
N CYS B 190 -39.95 28.78 -11.04
CA CYS B 190 -40.85 28.78 -12.18
C CYS B 190 -41.43 30.18 -12.34
N LYS B 191 -41.41 30.68 -13.58
CA LYS B 191 -41.94 32.01 -13.83
C LYS B 191 -43.40 32.13 -13.44
N HIS B 192 -44.14 31.02 -13.42
CA HIS B 192 -45.56 31.03 -13.05
C HIS B 192 -45.79 30.67 -11.58
N CYS B 193 -45.18 29.57 -11.12
CA CYS B 193 -45.47 28.96 -9.83
C CYS B 193 -44.56 29.43 -8.71
N GLY B 194 -43.42 30.03 -9.01
CA GLY B 194 -42.60 30.60 -7.98
C GLY B 194 -41.36 29.80 -7.70
N GLN B 195 -40.90 29.87 -6.45
CA GLN B 195 -39.64 29.26 -6.02
C GLN B 195 -39.88 28.17 -5.00
N LYS B 196 -39.12 27.08 -5.14
CA LYS B 196 -39.13 26.03 -4.12
C LYS B 196 -37.69 25.56 -3.90
N THR B 197 -37.39 25.28 -2.64
CA THR B 197 -36.05 24.90 -2.24
C THR B 197 -36.00 23.41 -1.93
N THR B 198 -34.93 22.75 -2.39
CA THR B 198 -34.59 21.39 -2.01
C THR B 198 -33.27 21.41 -1.28
N THR B 199 -33.20 20.72 -0.15
CA THR B 199 -32.01 20.59 0.67
C THR B 199 -31.67 19.11 0.80
N LEU B 200 -30.38 18.78 0.60
CA LEU B 200 -29.87 17.41 0.56
C LEU B 200 -28.60 17.31 1.39
N THR B 201 -28.35 16.12 1.95
CA THR B 201 -27.14 15.86 2.72
C THR B 201 -26.53 14.54 2.26
N GLY B 202 -25.33 14.24 2.76
CA GLY B 202 -24.70 12.97 2.44
C GLY B 202 -24.37 12.84 0.95
N VAL B 203 -24.39 11.61 0.46
CA VAL B 203 -23.93 11.37 -0.90
C VAL B 203 -24.85 12.01 -1.93
N GLU B 204 -26.14 12.12 -1.62
CA GLU B 204 -27.07 12.80 -2.51
C GLU B 204 -26.76 14.29 -2.64
N ALA B 205 -25.99 14.87 -1.73
CA ALA B 205 -25.64 16.27 -1.86
C ALA B 205 -24.43 16.51 -2.75
N VAL B 206 -23.66 15.47 -3.12
CA VAL B 206 -22.46 15.63 -3.94
C VAL B 206 -22.61 15.05 -5.34
N MET B 207 -23.71 14.36 -5.63
CA MET B 207 -23.98 13.74 -6.93
C MET B 207 -25.03 14.52 -7.70
N TYR B 208 -24.90 14.54 -9.03
CA TYR B 208 -25.94 15.13 -9.87
C TYR B 208 -25.90 14.47 -11.24
N MET B 209 -27.07 14.08 -11.73
CA MET B 209 -27.20 13.48 -13.05
C MET B 209 -27.95 14.46 -13.95
N GLY B 210 -27.33 14.84 -15.06
CA GLY B 210 -27.98 15.69 -16.04
C GLY B 210 -27.04 16.55 -16.84
N THR B 211 -25.97 17.05 -16.20
CA THR B 211 -24.96 17.85 -16.88
C THR B 211 -23.61 17.53 -16.26
N LEU B 212 -22.57 17.64 -17.09
CA LEU B 212 -21.18 17.50 -16.63
C LEU B 212 -20.61 18.79 -16.07
N SER B 213 -21.26 19.93 -16.34
CA SER B 213 -20.71 21.24 -16.03
C SER B 213 -21.13 21.67 -14.63
N TYR B 214 -20.15 21.89 -13.76
CA TYR B 214 -20.44 22.44 -12.45
C TYR B 214 -20.96 23.87 -12.56
N ASP B 215 -20.43 24.63 -13.52
CA ASP B 215 -20.94 25.97 -13.78
C ASP B 215 -22.41 25.95 -14.15
N ASN B 216 -22.83 24.96 -14.94
CA ASN B 216 -24.22 24.92 -15.39
C ASN B 216 -25.17 24.74 -14.21
N LEU B 217 -24.79 23.91 -13.24
CA LEU B 217 -25.62 23.79 -12.05
C LEU B 217 -25.68 25.10 -11.30
N LYS B 218 -24.60 25.90 -11.35
CA LYS B 218 -24.60 27.18 -10.65
C LYS B 218 -25.44 28.21 -11.38
N THR B 219 -25.35 28.26 -12.71
CA THR B 219 -26.07 29.28 -13.49
C THR B 219 -27.51 28.87 -13.77
N GLY B 220 -27.78 27.57 -13.88
CA GLY B 220 -29.15 27.11 -13.99
C GLY B 220 -29.33 26.06 -15.08
N VAL B 221 -30.10 25.02 -14.80
CA VAL B 221 -30.37 24.00 -15.80
C VAL B 221 -31.88 23.86 -15.97
N SER B 222 -32.30 23.51 -17.17
CA SER B 222 -33.72 23.32 -17.44
C SER B 222 -34.19 22.01 -16.84
N ILE B 223 -35.35 22.03 -16.18
CA ILE B 223 -36.03 20.81 -15.73
C ILE B 223 -37.52 20.97 -16.01
N PRO B 224 -38.21 19.90 -16.41
CA PRO B 224 -39.64 20.04 -16.73
C PRO B 224 -40.45 20.32 -15.47
N CYS B 225 -41.08 21.46 -15.43
CA CYS B 225 -41.94 21.79 -14.31
C CYS B 225 -43.35 21.30 -14.58
N VAL B 226 -43.96 20.85 -13.51
CA VAL B 226 -45.28 20.23 -13.45
C VAL B 226 -46.39 21.09 -14.08
N CYS B 227 -46.12 22.38 -14.33
CA CYS B 227 -47.13 23.29 -14.89
C CYS B 227 -47.22 23.27 -16.42
N GLY B 228 -46.36 22.51 -17.10
CA GLY B 228 -46.28 22.61 -18.55
C GLY B 228 -45.07 23.40 -19.01
N ARG B 229 -44.92 24.61 -18.47
CA ARG B 229 -43.74 25.43 -18.69
C ARG B 229 -42.50 24.74 -18.14
N ASP B 230 -41.34 25.27 -18.50
CA ASP B 230 -40.04 24.75 -18.06
C ASP B 230 -39.44 25.70 -17.03
N ALA B 231 -38.95 25.13 -15.94
CA ALA B 231 -38.35 25.88 -14.86
C ALA B 231 -36.83 25.74 -14.90
N THR B 232 -36.16 26.48 -14.03
CA THR B 232 -34.70 26.48 -13.96
C THR B 232 -34.28 26.12 -12.55
N GLN B 233 -33.39 25.15 -12.43
CA GLN B 233 -32.82 24.73 -11.16
C GLN B 233 -31.38 25.22 -11.11
N TYR B 234 -30.99 25.81 -9.99
CA TYR B 234 -29.63 26.29 -9.83
C TYR B 234 -29.20 26.04 -8.39
N LEU B 235 -27.88 26.06 -8.19
CA LEU B 235 -27.26 25.74 -6.90
C LEU B 235 -27.24 26.97 -6.00
N VAL B 236 -27.83 26.85 -4.81
CA VAL B 236 -27.81 27.96 -3.85
C VAL B 236 -26.62 27.87 -2.90
N GLN B 237 -26.39 26.67 -2.36
CA GLN B 237 -25.33 26.49 -1.39
C GLN B 237 -24.74 25.08 -1.54
N GLN B 238 -23.42 25.00 -1.37
CA GLN B 238 -22.71 23.74 -1.43
C GLN B 238 -21.65 23.70 -0.34
N GLU B 239 -21.64 22.62 0.43
CA GLU B 239 -20.63 22.38 1.46
C GLU B 239 -20.18 20.93 1.29
N SER B 240 -19.01 20.75 0.68
CA SER B 240 -18.42 19.42 0.51
C SER B 240 -17.00 19.59 -0.02
N SER B 241 -16.19 18.55 0.17
CA SER B 241 -14.84 18.59 -0.37
C SER B 241 -14.83 18.40 -1.88
N PHE B 242 -15.89 17.84 -2.46
CA PHE B 242 -15.94 17.64 -3.90
C PHE B 242 -17.39 17.63 -4.34
N VAL B 243 -17.58 17.64 -5.67
CA VAL B 243 -18.84 17.28 -6.30
C VAL B 243 -18.52 16.43 -7.51
N MET B 244 -19.48 15.59 -7.88
CA MET B 244 -19.43 14.70 -9.04
C MET B 244 -20.62 15.04 -9.93
N MET B 245 -20.34 15.54 -11.13
CA MET B 245 -21.35 15.83 -12.15
C MET B 245 -21.33 14.74 -13.20
N SER B 246 -22.49 14.15 -13.49
CA SER B 246 -22.57 13.07 -14.46
C SER B 246 -23.62 13.40 -15.52
N ALA B 247 -23.46 12.74 -16.67
CA ALA B 247 -24.40 12.85 -17.78
C ALA B 247 -24.21 11.64 -18.69
N PRO B 248 -25.19 11.32 -19.52
CA PRO B 248 -24.99 10.34 -20.60
C PRO B 248 -23.77 10.68 -21.43
N PRO B 249 -23.07 9.68 -21.97
CA PRO B 249 -21.81 9.95 -22.69
C PRO B 249 -22.05 10.92 -23.83
N ALA B 250 -21.27 12.00 -23.85
CA ALA B 250 -21.40 13.01 -24.90
C ALA B 250 -20.06 13.71 -25.05
N GLU B 251 -19.85 14.28 -26.24
CA GLU B 251 -18.61 14.98 -26.56
C GLU B 251 -18.45 16.20 -25.65
N TYR B 252 -17.31 16.29 -24.98
CA TYR B 252 -17.09 17.32 -23.99
C TYR B 252 -15.62 17.70 -23.99
N LYS B 253 -15.37 19.00 -23.88
CA LYS B 253 -14.02 19.52 -23.79
C LYS B 253 -13.62 19.64 -22.32
N LEU B 254 -12.49 19.05 -21.96
CA LEU B 254 -11.95 19.12 -20.60
C LEU B 254 -10.76 20.08 -20.62
N GLN B 255 -10.87 21.17 -19.87
CA GLN B 255 -9.89 22.24 -19.89
C GLN B 255 -9.02 22.16 -18.65
N GLN B 256 -7.72 22.18 -18.85
CA GLN B 256 -6.77 22.17 -17.75
C GLN B 256 -7.05 23.32 -16.78
N GLY B 257 -7.07 22.99 -15.49
CA GLY B 257 -7.25 23.99 -14.45
C GLY B 257 -8.69 24.29 -14.05
N THR B 258 -9.69 23.63 -14.64
CA THR B 258 -11.08 23.88 -14.27
C THR B 258 -11.81 22.64 -13.77
N PHE B 259 -11.10 21.54 -13.50
CA PHE B 259 -11.71 20.34 -12.97
C PHE B 259 -10.64 19.50 -12.26
N LEU B 260 -11.11 18.48 -11.56
CA LEU B 260 -10.23 17.61 -10.77
C LEU B 260 -9.90 16.33 -11.55
N CYS B 261 -10.91 15.54 -11.88
CA CYS B 261 -10.72 14.39 -12.75
C CYS B 261 -12.04 14.09 -13.45
N ALA B 262 -12.02 13.08 -14.31
CA ALA B 262 -13.16 12.79 -15.16
C ALA B 262 -13.04 11.36 -15.70
N ASN B 263 -14.16 10.85 -16.21
CA ASN B 263 -14.21 9.54 -16.85
C ASN B 263 -14.73 9.71 -18.27
N GLU B 264 -13.97 9.19 -19.23
CA GLU B 264 -14.41 9.05 -20.60
C GLU B 264 -14.99 7.67 -20.81
N TYR B 265 -16.08 7.60 -21.59
CA TYR B 265 -16.73 6.34 -21.94
C TYR B 265 -16.89 6.28 -23.45
N THR B 266 -16.33 5.23 -24.06
CA THR B 266 -16.48 4.99 -25.49
C THR B 266 -17.24 3.68 -25.71
N GLY B 267 -17.91 3.59 -26.86
CA GLY B 267 -18.60 2.36 -27.26
C GLY B 267 -20.10 2.41 -26.98
N ASN B 268 -20.74 1.25 -27.18
CA ASN B 268 -22.17 1.13 -26.94
C ASN B 268 -22.48 1.22 -25.46
N TYR B 269 -23.75 1.50 -25.16
CA TYR B 269 -24.22 1.39 -23.78
C TYR B 269 -24.18 -0.05 -23.30
N GLN B 270 -24.27 -1.01 -24.23
CA GLN B 270 -24.28 -2.43 -23.91
C GLN B 270 -22.89 -2.97 -23.63
N CYS B 271 -21.85 -2.39 -24.24
CA CYS B 271 -20.49 -2.88 -24.05
C CYS B 271 -19.55 -1.72 -24.46
N GLY B 272 -18.99 -1.05 -23.45
CA GLY B 272 -18.12 0.09 -23.68
C GLY B 272 -16.79 0.00 -22.97
N HIS B 273 -16.06 1.11 -22.90
CA HIS B 273 -14.71 1.14 -22.36
C HIS B 273 -14.54 2.44 -21.58
N TYR B 274 -14.21 2.32 -20.30
CA TYR B 274 -14.00 3.47 -19.44
C TYR B 274 -12.52 3.85 -19.42
N THR B 275 -12.27 5.13 -19.21
CA THR B 275 -10.92 5.68 -19.23
C THR B 275 -10.92 6.90 -18.33
N HIS B 276 -9.93 7.01 -17.47
CA HIS B 276 -9.85 8.09 -16.50
C HIS B 276 -8.97 9.23 -17.00
N ILE B 277 -9.38 10.47 -16.71
CA ILE B 277 -8.63 11.68 -17.05
C ILE B 277 -8.41 12.48 -15.77
N THR B 278 -7.20 12.94 -15.53
CA THR B 278 -6.92 13.73 -14.36
C THR B 278 -5.98 14.89 -14.71
N ALA B 279 -6.09 15.98 -13.96
CA ALA B 279 -5.38 17.23 -14.22
C ALA B 279 -4.22 17.35 -13.26
N LYS B 280 -3.00 17.24 -13.81
CA LYS B 280 -1.77 17.44 -13.05
C LYS B 280 -1.01 18.64 -13.62
N GLU B 281 0.30 18.49 -13.84
CA GLU B 281 1.05 19.50 -14.60
C GLU B 281 0.54 19.62 -16.03
N THR B 282 -0.08 18.55 -16.53
CA THR B 282 -0.83 18.56 -17.78
C THR B 282 -1.96 17.54 -17.62
N LEU B 283 -2.73 17.34 -18.68
CA LEU B 283 -3.81 16.36 -18.63
C LEU B 283 -3.25 14.95 -18.83
N TYR B 284 -3.67 14.03 -17.95
CA TYR B 284 -3.28 12.62 -18.01
C TYR B 284 -4.48 11.78 -18.43
N ARG B 285 -4.32 10.96 -19.45
CA ARG B 285 -5.29 9.93 -19.80
C ARG B 285 -4.74 8.59 -19.31
N ILE B 286 -5.40 7.98 -18.33
CA ILE B 286 -4.96 6.73 -17.71
C ILE B 286 -5.91 5.62 -18.12
N ASP B 287 -5.40 4.64 -18.84
CA ASP B 287 -6.18 3.53 -19.35
C ASP B 287 -5.48 2.24 -18.91
N GLY B 288 -5.84 1.74 -17.73
CA GLY B 288 -5.15 0.62 -17.14
C GLY B 288 -3.68 0.93 -16.89
N ALA B 289 -2.79 0.19 -17.52
CA ALA B 289 -1.36 0.44 -17.43
C ALA B 289 -0.88 1.48 -18.44
N HIS B 290 -1.76 2.06 -19.25
CA HIS B 290 -1.38 2.94 -20.35
C HIS B 290 -1.63 4.40 -20.00
N LEU B 291 -0.67 5.26 -20.33
CA LEU B 291 -0.80 6.69 -20.06
C LEU B 291 -0.68 7.48 -21.35
N THR B 292 -1.52 8.49 -21.51
CA THR B 292 -1.36 9.50 -22.55
C THR B 292 -1.41 10.87 -21.90
N LYS B 293 -0.48 11.74 -22.29
CA LYS B 293 -0.41 13.12 -21.85
C LYS B 293 -0.86 14.03 -23.00
N MET B 294 -1.60 15.07 -22.66
CA MET B 294 -2.21 15.93 -23.67
C MET B 294 -2.42 17.33 -23.11
N SER B 295 -2.16 18.34 -23.96
CA SER B 295 -2.45 19.72 -23.60
C SER B 295 -3.92 19.90 -23.22
N GLU B 296 -4.82 19.54 -24.14
CA GLU B 296 -6.25 19.64 -23.96
C GLU B 296 -6.91 18.32 -24.34
N TYR B 297 -8.16 18.16 -23.96
CA TYR B 297 -8.90 16.94 -24.26
C TYR B 297 -10.31 17.26 -24.70
N LYS B 298 -10.74 16.63 -25.80
CA LYS B 298 -12.16 16.57 -26.15
C LYS B 298 -12.51 15.14 -26.53
N GLY B 299 -13.58 14.61 -25.94
CA GLY B 299 -14.02 13.26 -26.16
C GLY B 299 -15.29 12.94 -25.40
N PRO B 300 -15.74 11.68 -25.47
CA PRO B 300 -17.00 11.31 -24.82
C PRO B 300 -16.87 11.13 -23.31
N VAL B 301 -17.25 12.16 -22.56
CA VAL B 301 -17.12 12.19 -21.11
C VAL B 301 -18.49 11.96 -20.49
N THR B 302 -18.50 11.23 -19.36
CA THR B 302 -19.74 10.94 -18.65
C THR B 302 -19.70 11.26 -17.16
N ASP B 303 -18.53 11.53 -16.60
CA ASP B 303 -18.46 11.96 -15.22
C ASP B 303 -17.30 12.93 -15.09
N VAL B 304 -17.52 14.01 -14.37
CA VAL B 304 -16.47 14.98 -14.07
C VAL B 304 -16.54 15.28 -12.58
N PHE B 305 -15.39 15.23 -11.90
CA PHE B 305 -15.28 15.63 -10.52
C PHE B 305 -14.68 17.02 -10.41
N TYR B 306 -15.11 17.77 -9.39
CA TYR B 306 -14.59 19.11 -9.12
C TYR B 306 -14.29 19.26 -7.64
N LYS B 307 -13.25 20.04 -7.34
CA LYS B 307 -12.93 20.35 -5.96
C LYS B 307 -13.90 21.40 -5.41
N GLU B 308 -14.13 21.34 -4.11
CA GLU B 308 -15.08 22.24 -3.48
C GLU B 308 -14.72 22.41 -2.01
N THR B 309 -15.10 23.56 -1.45
CA THR B 309 -14.99 23.76 -0.02
C THR B 309 -16.34 24.25 0.49
N SER B 310 -16.67 25.48 0.14
CA SER B 310 -17.95 26.09 0.49
C SER B 310 -18.35 27.06 -0.61
N TYR B 311 -19.54 26.89 -1.17
CA TYR B 311 -20.01 27.76 -2.25
C TYR B 311 -21.37 28.33 -1.85
N THR B 312 -21.51 29.65 -2.04
CA THR B 312 -22.80 30.32 -1.85
C THR B 312 -23.08 31.12 -3.12
N THR B 313 -24.30 31.01 -3.62
CA THR B 313 -24.63 31.67 -4.87
C THR B 313 -24.74 33.17 -4.67
N THR B 314 -24.58 33.90 -5.79
CA THR B 314 -24.89 35.32 -5.85
C THR B 314 -26.22 35.60 -6.53
N ILE B 315 -26.88 34.58 -7.10
CA ILE B 315 -28.16 34.79 -7.73
C ILE B 315 -29.17 35.26 -6.70
N LYS B 316 -29.85 36.36 -6.98
CA LYS B 316 -30.82 36.79 -5.98
C LYS B 316 -32.22 36.31 -6.35
N PRO B 317 -33.01 35.85 -5.35
CA PRO B 317 -34.38 35.34 -5.48
C PRO B 317 -35.43 36.43 -5.65
C ACY C 1 -25.67 2.77 -17.74
O ACY C 1 -26.25 2.42 -18.72
CH3 ACY C 1 -26.42 3.34 -16.54
N 73O C 2 -24.23 2.67 -17.73
CA 73O C 2 -23.58 2.13 -18.90
C 73O C 2 -23.07 0.73 -18.54
C52 73O C 2 -22.37 2.95 -19.36
C54 73O C 2 -22.33 4.42 -18.94
C57 73O C 2 -23.62 5.17 -19.26
C60 73O C 2 -24.21 5.06 -20.50
C61 73O C 2 -25.39 5.73 -20.75
C62 73O C 2 -25.96 6.53 -19.77
C63 73O C 2 -25.38 6.65 -18.52
C64 73O C 2 -24.20 5.97 -18.27
O69 73O C 2 -27.16 7.21 -20.04
O 73O C 2 -23.34 0.25 -17.51
N DPP C 3 -22.27 0.02 -19.52
CA DPP C 3 -21.76 -1.29 -19.21
C DPP C 3 -20.35 -1.25 -19.80
O DPP C 3 -20.10 -1.71 -20.87
CB DPP C 3 -22.65 -2.37 -19.84
NG DPP C 3 -23.76 -2.67 -18.95
N GLY C 4 -19.31 -0.58 -19.04
CA GLY C 4 -17.99 -0.50 -19.63
C GLY C 4 -17.05 -1.57 -19.07
N GVE C 5 -15.96 -1.98 -19.93
C1 GVE C 5 -14.95 -2.96 -19.57
CB GVE C 5 -13.70 -2.11 -19.34
CG GVE C 5 -12.50 -2.37 -20.24
C GVE C 5 -12.64 -3.47 -21.28
OXT GVE C 5 -12.58 -3.10 -22.64
O GVE C 5 -12.74 -4.60 -20.96
CH3 GVE C 5 -11.81 -3.92 -23.47
C ACY D 1 27.49 -13.90 10.73
O ACY D 1 27.90 -15.01 10.64
CH3 ACY D 1 28.42 -12.71 10.90
N 73O D 2 26.06 -13.69 10.67
CA 73O D 2 25.22 -14.83 10.48
C 73O D 2 24.99 -15.03 8.99
C52 73O D 2 23.89 -14.59 11.21
C54 73O D 2 23.87 -15.07 12.66
C57 73O D 2 25.02 -14.51 13.48
C60 73O D 2 26.10 -15.29 13.83
C61 73O D 2 27.13 -14.74 14.58
C62 73O D 2 27.10 -13.41 14.98
C63 73O D 2 26.02 -12.61 14.62
C64 73O D 2 24.98 -13.17 13.88
O69 73O D 2 28.15 -12.86 15.74
O 73O D 2 25.13 -14.16 8.21
N DPP D 3 24.59 -16.34 8.53
CA DPP D 3 24.32 -16.59 7.12
C DPP D 3 22.95 -17.26 7.22
O DPP D 3 22.78 -18.46 7.11
CB DPP D 3 25.40 -17.45 6.46
NG DPP D 3 26.68 -16.71 6.36
N GLY D 4 21.81 -16.40 7.49
CA GLY D 4 20.54 -17.03 7.61
C GLY D 4 19.74 -17.04 6.31
N GVE D 5 19.02 -18.25 6.09
C1 GVE D 5 18.19 -18.48 4.93
CB GVE D 5 16.78 -18.04 5.25
CG GVE D 5 15.74 -19.04 5.70
C GVE D 5 16.03 -20.49 5.98
OXT GVE D 5 14.95 -21.25 6.37
O GVE D 5 17.13 -20.94 5.93
CH3 GVE D 5 13.79 -20.71 5.78
ZN ZN E . 41.93 7.56 31.02
C1 EDO F . 2.12 -7.13 -23.78
O1 EDO F . 3.25 -6.51 -23.11
C2 EDO F . 2.35 -7.22 -25.28
O2 EDO F . 1.31 -7.99 -25.91
C1 EDO G . 9.20 14.65 -22.06
O1 EDO G . 7.85 14.95 -21.66
C2 EDO G . 10.14 15.01 -20.91
O2 EDO G . 11.55 14.72 -21.14
C1 EDO H . 9.40 -0.12 -10.56
O1 EDO H . 10.20 -0.72 -11.58
C2 EDO H . 7.97 -0.62 -10.79
O2 EDO H . 7.93 -2.04 -10.64
C1 EDO I . 4.55 0.31 -9.13
O1 EDO I . 5.91 0.10 -8.69
C2 EDO I . 4.19 -0.54 -10.35
O2 EDO I . 4.31 0.28 -11.52
C1 EDO J . 21.09 -6.42 -28.26
O1 EDO J . 21.43 -5.87 -27.00
C2 EDO J . 19.62 -6.10 -28.53
O2 EDO J . 19.45 -4.69 -28.41
C1 EDO K . 13.63 -16.79 -8.20
O1 EDO K . 14.56 -17.87 -7.97
C2 EDO K . 12.25 -17.13 -7.68
O2 EDO K . 11.51 -15.90 -7.64
C1 EDO L . 18.90 -11.48 -12.57
O1 EDO L . 19.12 -12.53 -11.60
C2 EDO L . 17.42 -11.34 -12.91
O2 EDO L . 17.27 -10.43 -14.02
C1 EDO M . 21.80 6.65 -8.86
O1 EDO M . 22.29 7.81 -8.18
C2 EDO M . 22.90 6.02 -9.73
O2 EDO M . 22.41 4.79 -10.26
C1 EDO N . 24.87 3.31 -1.70
O1 EDO N . 23.75 3.13 -0.85
C2 EDO N . 25.52 4.67 -1.39
O2 EDO N . 26.57 4.94 -2.33
C1 EDO O . 26.32 0.81 13.62
O1 EDO O . 26.74 1.58 12.49
C2 EDO O . 25.51 -0.44 13.25
O2 EDO O . 26.28 -1.64 13.06
C1 EDO P . 9.33 2.11 17.35
O1 EDO P . 10.05 3.25 16.87
C2 EDO P . 7.83 2.30 17.19
O2 EDO P . 7.16 1.21 17.81
C1 EDO Q . 15.45 11.66 -20.97
O1 EDO Q . 16.28 12.79 -20.68
C2 EDO Q . 16.31 10.43 -21.28
O2 EDO Q . 15.55 9.22 -21.16
S SO4 R . -1.89 -4.52 -20.78
O1 SO4 R . -2.13 -3.82 -22.03
O2 SO4 R . -3.10 -5.19 -20.32
O3 SO4 R . -1.48 -3.55 -19.76
O4 SO4 R . -0.84 -5.52 -20.96
S SO4 S . 5.01 -22.31 2.52
O1 SO4 S . 3.68 -22.87 2.25
O2 SO4 S . 5.77 -22.30 1.29
O3 SO4 S . 4.73 -20.95 2.94
O4 SO4 S . 5.72 -23.08 3.52
C1 EDO T . -3.86 0.48 -26.69
O1 EDO T . -2.65 -0.27 -26.80
C2 EDO T . -3.69 1.59 -25.65
O2 EDO T . -2.62 2.44 -26.09
ZN ZN U . -44.54 25.72 -13.05
C1 EDO V . -22.53 -7.79 -17.97
O1 EDO V . -23.80 -7.31 -18.46
C2 EDO V . -22.69 -8.23 -16.53
O2 EDO V . -23.37 -9.50 -16.44
C1 EDO W . -13.76 -19.54 17.57
O1 EDO W . -13.54 -19.55 16.15
C2 EDO W . -14.16 -18.13 18.00
O2 EDO W . -14.28 -18.10 19.43
C1 EDO X . 1.23 9.31 -24.99
O1 EDO X . 1.47 7.98 -24.50
C2 EDO X . 1.82 10.36 -24.05
O2 EDO X . 2.04 11.63 -24.67
C1 EDO Y . -13.32 -3.43 13.68
O1 EDO Y . -13.07 -4.82 13.47
C2 EDO Y . -13.79 -3.19 15.11
O2 EDO Y . -14.11 -1.81 15.27
C1 EDO Z . -22.36 -0.90 13.45
O1 EDO Z . -21.13 -0.58 14.11
C2 EDO Z . -22.45 -0.10 12.15
O2 EDO Z . -22.28 1.27 12.46
C1 EDO AA . -23.73 11.25 -9.95
O1 EDO AA . -23.13 12.44 -10.45
C2 EDO AA . -25.26 11.31 -10.08
O2 EDO AA . -25.81 10.12 -9.53
C1 EDO BA . -22.60 18.80 -20.17
O1 EDO BA . -23.30 17.75 -20.84
C2 EDO BA . -23.19 20.16 -20.57
O2 EDO BA . -24.53 20.30 -20.07
C1 EDO CA . -11.81 16.62 -2.85
O1 EDO CA . -11.80 15.59 -1.85
C2 EDO CA . -10.47 17.33 -2.93
O2 EDO CA . -9.65 16.67 -3.91
N NH4 DA . -15.85 21.29 -17.00
S SO4 EA . -22.00 1.68 6.93
O1 SO4 EA . -23.25 0.99 6.56
O2 SO4 EA . -20.90 0.98 6.28
O3 SO4 EA . -21.98 3.05 6.44
O4 SO4 EA . -21.93 1.66 8.39
CL CL FA . -6.92 -17.97 20.60
#